data_9H0K
#
_entry.id   9H0K
#
_cell.length_a   83.408
_cell.length_b   88.513
_cell.length_c   112.455
_cell.angle_alpha   90.000
_cell.angle_beta   90.000
_cell.angle_gamma   90.000
#
_symmetry.space_group_name_H-M   'P 21 21 21'
#
loop_
_entity.id
_entity.type
_entity.pdbx_description
1 polymer 'CREB-binding protein'
2 non-polymer 'propionyl Coenzyme A'
3 non-polymer 'SULFATE ION'
4 water water
#
_entity_poly.entity_id   1
_entity_poly.type   'polypeptide(L)'
_entity_poly.pdbx_seq_one_letter_code
;MGSSHHHHHHDYDIPTTENLYFQGHTNKFSAKRLQTTRLGNHLEDRVNKFLRRQNHPEAGEVFVRVVASSDKTVEVKPGM
KSRFVDSGEMSESFPYRTKALFAFEEIDGVDVCFFGMHVQEYGSDCPPPNTRRVYISYLDSIHFFRPRCLRTAVYHEILI
GYLEYVKKLGYVTGHIWACPPSEGDDYIFHCHPPDQKIPKPKRLQEWFKKMLDKAFAERIIHDYKDIFKQATEDRLTSAK
ELPYFEGDFWPNVLEESIKESGGSGSQKLYATMEKHKEVFFVIHLHAGPVINTLPPIVDPDPLLSCDLMDGRDAFLTLAR
DKHWEFSSLRRSKWSTLCMLVELHTQGQ
;
_entity_poly.pdbx_strand_id   A,B
#
# COMPACT_ATOMS: atom_id res chain seq x y z
N LYS A 28 -5.85 12.53 17.55
CA LYS A 28 -5.94 13.90 17.06
C LYS A 28 -6.64 13.96 15.71
N PHE A 29 -7.56 14.91 15.59
CA PHE A 29 -8.45 15.08 14.45
C PHE A 29 -7.98 16.13 13.46
N SER A 30 -6.70 16.51 13.52
CA SER A 30 -6.24 17.61 12.68
C SER A 30 -5.89 17.14 11.28
N ALA A 31 -5.96 18.07 10.33
CA ALA A 31 -5.58 17.76 8.96
C ALA A 31 -4.11 17.35 8.89
N LYS A 32 -3.27 17.94 9.75
CA LYS A 32 -1.85 17.62 9.73
C LYS A 32 -1.60 16.16 10.05
N ARG A 33 -2.42 15.55 10.89
CA ARG A 33 -2.17 14.18 11.30
C ARG A 33 -2.74 13.15 10.32
N LEU A 34 -3.47 13.58 9.30
CA LEU A 34 -3.85 12.67 8.22
C LEU A 34 -2.59 12.08 7.58
N GLN A 35 -2.70 10.81 7.15
CA GLN A 35 -1.55 10.10 6.61
C GLN A 35 -0.89 10.89 5.48
N THR A 36 0.41 11.09 5.60
CA THR A 36 1.14 11.84 4.59
C THR A 36 1.57 10.93 3.46
N THR A 37 1.80 11.52 2.30
CA THR A 37 2.27 10.81 1.12
C THR A 37 3.33 11.66 0.45
N ARG A 38 4.11 11.06 -0.46
CA ARG A 38 5.04 11.87 -1.22
C ARG A 38 4.30 12.88 -2.09
N LEU A 39 3.21 12.47 -2.74
CA LEU A 39 2.48 13.40 -3.59
C LEU A 39 1.92 14.55 -2.78
N GLY A 40 1.23 14.24 -1.68
CA GLY A 40 0.69 15.29 -0.83
C GLY A 40 1.76 16.24 -0.31
N ASN A 41 2.89 15.69 0.15
CA ASN A 41 3.96 16.54 0.69
C ASN A 41 4.56 17.44 -0.39
N HIS A 42 4.70 16.95 -1.61
CA HIS A 42 5.26 17.77 -2.68
C HIS A 42 4.37 18.99 -2.93
N LEU A 43 3.05 18.76 -3.00
CA LEU A 43 2.12 19.86 -3.21
C LEU A 43 2.14 20.82 -2.03
N GLU A 44 2.12 20.26 -0.81
CA GLU A 44 2.14 21.09 0.39
C GLU A 44 3.41 21.93 0.46
N ASP A 45 4.55 21.33 0.14
CA ASP A 45 5.79 22.08 0.22
C ASP A 45 5.80 23.22 -0.78
N ARG A 46 5.26 22.99 -1.98
CA ARG A 46 5.23 24.05 -2.98
C ARG A 46 4.31 25.20 -2.55
N VAL A 47 3.13 24.88 -2.02
CA VAL A 47 2.20 25.92 -1.59
C VAL A 47 2.77 26.75 -0.45
N ASN A 48 3.28 26.10 0.59
CA ASN A 48 3.77 26.87 1.74
C ASN A 48 5.05 27.63 1.40
N LYS A 49 5.84 27.10 0.47
CA LYS A 49 7.00 27.83 -0.05
C LYS A 49 6.55 29.13 -0.71
N PHE A 50 5.52 29.07 -1.55
CA PHE A 50 4.98 30.25 -2.20
C PHE A 50 4.39 31.22 -1.18
N LEU A 51 3.70 30.69 -0.17
CA LEU A 51 3.09 31.54 0.84
C LEU A 51 4.16 32.23 1.69
N ARG A 52 5.27 31.54 1.96
CA ARG A 52 6.33 32.20 2.73
C ARG A 52 6.94 33.36 1.94
N ARG A 53 7.08 33.21 0.62
CA ARG A 53 7.60 34.32 -0.19
C ARG A 53 6.64 35.52 -0.17
N GLN A 54 5.33 35.27 -0.07
CA GLN A 54 4.36 36.37 -0.10
C GLN A 54 4.37 37.17 1.20
N ASN A 55 4.53 36.51 2.34
CA ASN A 55 4.64 37.17 3.65
C ASN A 55 3.38 37.97 4.00
N HIS A 56 2.22 37.46 3.64
CA HIS A 56 0.97 38.11 4.03
C HIS A 56 0.59 37.66 5.44
N PRO A 57 0.27 38.59 6.35
CA PRO A 57 0.07 38.18 7.75
C PRO A 57 -1.21 37.41 7.98
N GLU A 58 -2.17 37.45 7.05
CA GLU A 58 -3.41 36.70 7.20
C GLU A 58 -3.30 35.24 6.80
N ALA A 59 -2.23 34.84 6.12
CA ALA A 59 -2.17 33.50 5.55
C ALA A 59 -1.83 32.46 6.62
N GLY A 60 -2.60 31.38 6.65
CA GLY A 60 -2.30 30.27 7.53
C GLY A 60 -1.58 29.15 6.81
N GLU A 61 -1.05 28.21 7.59
CA GLU A 61 -0.40 27.04 7.03
C GLU A 61 -1.38 26.24 6.18
N VAL A 62 -0.88 25.60 5.13
CA VAL A 62 -1.70 24.77 4.25
C VAL A 62 -1.22 23.33 4.35
N PHE A 63 -2.17 22.42 4.49
CA PHE A 63 -1.91 20.98 4.50
C PHE A 63 -2.57 20.38 3.27
N VAL A 64 -1.80 19.60 2.52
CA VAL A 64 -2.33 18.89 1.35
C VAL A 64 -2.21 17.41 1.66
N ARG A 65 -3.33 16.69 1.54
CA ARG A 65 -3.39 15.29 1.90
C ARG A 65 -4.11 14.50 0.80
N VAL A 66 -3.51 13.40 0.38
CA VAL A 66 -4.22 12.43 -0.45
C VAL A 66 -5.04 11.59 0.50
N VAL A 67 -6.36 11.58 0.31
CA VAL A 67 -7.22 10.88 1.26
C VAL A 67 -7.75 9.55 0.72
N ALA A 68 -7.61 9.28 -0.57
CA ALA A 68 -8.05 8.01 -1.14
C ALA A 68 -7.27 7.73 -2.41
N SER A 69 -7.02 6.46 -2.65
CA SER A 69 -6.22 6.04 -3.79
C SER A 69 -6.57 4.61 -4.12
N SER A 70 -7.03 4.34 -5.34
CA SER A 70 -7.37 2.97 -5.70
C SER A 70 -7.07 2.71 -7.17
N ASP A 71 -6.95 1.42 -7.50
CA ASP A 71 -6.71 1.02 -8.87
C ASP A 71 -8.04 0.59 -9.47
N LYS A 72 -8.30 1.05 -10.69
CA LYS A 72 -9.54 0.80 -11.39
C LYS A 72 -9.19 0.49 -12.83
N THR A 73 -10.21 0.18 -13.62
CA THR A 73 -10.05 0.05 -15.06
C THR A 73 -11.24 0.76 -15.71
N VAL A 74 -11.00 1.42 -16.84
CA VAL A 74 -12.11 1.95 -17.66
C VAL A 74 -12.29 1.02 -18.84
N GLU A 75 -13.51 0.53 -19.04
CA GLU A 75 -13.80 -0.39 -20.12
C GLU A 75 -14.33 0.34 -21.35
N VAL A 76 -13.84 -0.05 -22.53
CA VAL A 76 -14.31 0.56 -23.75
C VAL A 76 -15.78 0.20 -23.95
N LYS A 77 -16.59 1.22 -24.22
CA LYS A 77 -18.04 1.06 -24.32
C LYS A 77 -18.41 0.23 -25.56
N PRO A 78 -19.65 -0.25 -25.63
CA PRO A 78 -19.96 -1.33 -26.58
C PRO A 78 -19.75 -0.99 -28.04
N GLY A 79 -20.06 0.24 -28.48
CA GLY A 79 -19.91 0.56 -29.90
C GLY A 79 -18.46 0.56 -30.34
N MET A 80 -17.61 1.30 -29.62
CA MET A 80 -16.18 1.26 -29.88
C MET A 80 -15.62 -0.14 -29.71
N LYS A 81 -16.14 -0.90 -28.74
CA LYS A 81 -15.64 -2.24 -28.53
C LYS A 81 -15.88 -3.13 -29.74
N SER A 82 -17.09 -3.05 -30.32
CA SER A 82 -17.38 -3.91 -31.47
C SER A 82 -16.56 -3.52 -32.68
N ARG A 83 -16.29 -2.23 -32.84
CA ARG A 83 -15.56 -1.73 -34.01
C ARG A 83 -14.07 -2.03 -33.89
N PHE A 84 -13.46 -1.74 -32.74
CA PHE A 84 -12.02 -1.76 -32.64
C PHE A 84 -11.46 -2.82 -31.70
N VAL A 85 -12.14 -3.13 -30.61
CA VAL A 85 -11.58 -4.10 -29.69
C VAL A 85 -11.66 -5.49 -30.30
N ASP A 86 -12.82 -5.86 -30.82
CA ASP A 86 -12.99 -7.23 -31.28
C ASP A 86 -12.18 -7.53 -32.53
N SER A 87 -11.75 -6.51 -33.26
CA SER A 87 -10.86 -6.71 -34.39
C SER A 87 -9.39 -6.71 -33.98
N GLY A 88 -9.11 -6.57 -32.69
CA GLY A 88 -7.75 -6.59 -32.19
C GLY A 88 -6.98 -5.29 -32.37
N GLU A 89 -7.65 -4.19 -32.69
CA GLU A 89 -6.98 -2.91 -32.90
C GLU A 89 -6.89 -2.06 -31.66
N MET A 90 -7.60 -2.41 -30.59
CA MET A 90 -7.64 -1.57 -29.40
C MET A 90 -7.84 -2.45 -28.17
N SER A 91 -7.23 -2.07 -27.06
CA SER A 91 -7.39 -2.82 -25.83
C SER A 91 -8.83 -2.69 -25.33
N GLU A 92 -9.35 -3.77 -24.71
CA GLU A 92 -10.73 -3.69 -24.23
C GLU A 92 -10.88 -2.79 -23.03
N SER A 93 -9.80 -2.50 -22.30
CA SER A 93 -9.89 -1.65 -21.10
C SER A 93 -8.50 -1.10 -20.78
N PHE A 94 -8.47 -0.11 -19.89
CA PHE A 94 -7.24 0.58 -19.56
C PHE A 94 -7.16 0.70 -18.05
N PRO A 95 -6.12 0.18 -17.42
CA PRO A 95 -6.01 0.31 -15.95
C PRO A 95 -5.49 1.68 -15.57
N TYR A 96 -6.03 2.23 -14.47
CA TYR A 96 -5.54 3.50 -13.96
C TYR A 96 -5.64 3.52 -12.44
N ARG A 97 -4.80 4.35 -11.83
CA ARG A 97 -4.88 4.66 -10.41
C ARG A 97 -5.59 6.00 -10.27
N THR A 98 -6.57 6.05 -9.36
CA THR A 98 -7.30 7.28 -9.10
C THR A 98 -6.95 7.78 -7.70
N LYS A 99 -6.79 9.09 -7.57
CA LYS A 99 -6.43 9.67 -6.28
C LYS A 99 -7.33 10.87 -5.99
N ALA A 100 -7.76 10.99 -4.74
CA ALA A 100 -8.56 12.12 -4.30
C ALA A 100 -7.71 12.91 -3.31
N LEU A 101 -7.58 14.21 -3.54
CA LEU A 101 -6.79 14.99 -2.60
C LEU A 101 -7.50 16.25 -2.16
N PHE A 102 -7.15 16.70 -0.96
CA PHE A 102 -7.78 17.86 -0.35
C PHE A 102 -6.69 18.79 0.18
N ALA A 103 -6.98 20.09 0.13
CA ALA A 103 -6.13 21.09 0.76
C ALA A 103 -6.92 21.74 1.89
N PHE A 104 -6.24 21.95 3.03
CA PHE A 104 -6.82 22.56 4.23
C PHE A 104 -5.96 23.77 4.60
N GLU A 105 -6.58 24.83 5.11
CA GLU A 105 -5.83 25.98 5.61
C GLU A 105 -6.21 26.27 7.07
N GLU A 106 -5.22 26.65 7.87
CA GLU A 106 -5.51 27.12 9.22
C GLU A 106 -6.17 28.49 9.15
N ILE A 107 -7.39 28.61 9.68
CA ILE A 107 -8.10 29.89 9.73
C ILE A 107 -8.70 30.03 11.12
N ASP A 108 -8.34 31.11 11.82
CA ASP A 108 -8.80 31.34 13.19
C ASP A 108 -8.47 30.16 14.08
N GLY A 109 -7.38 29.46 13.77
CA GLY A 109 -6.91 28.37 14.59
C GLY A 109 -7.55 27.02 14.33
N VAL A 110 -8.40 26.89 13.31
CA VAL A 110 -8.95 25.60 12.96
C VAL A 110 -8.66 25.30 11.49
N ASP A 111 -8.72 24.02 11.15
CA ASP A 111 -8.58 23.61 9.77
C ASP A 111 -9.87 23.86 9.01
N VAL A 112 -9.74 24.40 7.81
CA VAL A 112 -10.86 24.59 6.89
C VAL A 112 -10.47 23.99 5.55
N CYS A 113 -11.26 23.01 5.10
CA CYS A 113 -11.06 22.43 3.78
C CYS A 113 -11.51 23.42 2.72
N PHE A 114 -10.62 23.78 1.79
CA PHE A 114 -10.98 24.79 0.81
C PHE A 114 -10.81 24.38 -0.64
N PHE A 115 -10.27 23.20 -0.94
CA PHE A 115 -9.99 22.79 -2.32
C PHE A 115 -9.90 21.28 -2.38
N GLY A 116 -10.47 20.70 -3.44
CA GLY A 116 -10.37 19.26 -3.65
C GLY A 116 -10.20 18.96 -5.13
N MET A 117 -9.56 17.82 -5.43
CA MET A 117 -9.32 17.44 -6.81
C MET A 117 -9.17 15.94 -6.90
N HIS A 118 -9.71 15.34 -7.96
CA HIS A 118 -9.59 13.90 -8.23
C HIS A 118 -8.81 13.74 -9.52
N VAL A 119 -7.92 12.75 -9.58
CA VAL A 119 -7.10 12.59 -10.77
C VAL A 119 -7.13 11.12 -11.19
N GLN A 120 -6.86 10.88 -12.47
CA GLN A 120 -6.72 9.54 -13.03
C GLN A 120 -5.33 9.42 -13.65
N GLU A 121 -4.60 8.35 -13.32
CA GLU A 121 -3.22 8.22 -13.74
C GLU A 121 -3.04 6.89 -14.47
N TYR A 122 -2.74 6.96 -15.76
CA TYR A 122 -2.57 5.79 -16.62
C TYR A 122 -1.07 5.59 -16.78
N GLY A 123 -0.52 4.57 -16.10
CA GLY A 123 0.91 4.38 -15.97
C GLY A 123 1.56 3.68 -17.15
N SER A 124 2.76 3.14 -16.90
CA SER A 124 3.57 2.58 -17.99
C SER A 124 3.18 1.16 -18.39
N ASP A 125 2.37 0.48 -17.58
CA ASP A 125 1.78 -0.79 -17.93
C ASP A 125 0.45 -0.66 -18.67
N CYS A 126 -0.01 0.57 -18.90
CA CYS A 126 -1.28 0.81 -19.56
C CYS A 126 -1.10 0.80 -21.08
N PRO A 127 -1.94 0.10 -21.83
CA PRO A 127 -1.76 0.03 -23.29
C PRO A 127 -2.04 1.37 -23.95
N PRO A 128 -1.55 1.58 -25.17
CA PRO A 128 -1.97 2.75 -25.93
C PRO A 128 -3.45 2.69 -26.19
N PRO A 129 -4.11 3.84 -26.39
CA PRO A 129 -3.53 5.18 -26.49
C PRO A 129 -3.36 5.88 -25.16
N ASN A 130 -3.49 5.22 -24.01
CA ASN A 130 -3.50 5.93 -22.72
C ASN A 130 -2.16 5.95 -21.99
N THR A 131 -1.11 5.37 -22.57
CA THR A 131 0.12 5.09 -21.83
C THR A 131 0.76 6.37 -21.29
N ARG A 132 1.09 6.37 -20.00
CA ARG A 132 1.82 7.47 -19.37
C ARG A 132 1.06 8.80 -19.48
N ARG A 133 -0.24 8.78 -19.21
CA ARG A 133 -1.05 9.99 -19.24
C ARG A 133 -1.77 10.21 -17.91
N VAL A 134 -2.01 11.48 -17.56
CA VAL A 134 -2.83 11.80 -16.40
C VAL A 134 -3.98 12.65 -16.88
N TYR A 135 -5.12 12.49 -16.21
CA TYR A 135 -6.34 13.24 -16.50
C TYR A 135 -6.90 13.78 -15.20
N ILE A 136 -7.18 15.08 -15.14
CA ILE A 136 -7.88 15.62 -13.97
C ILE A 136 -9.37 15.33 -14.15
N SER A 137 -9.92 14.49 -13.28
CA SER A 137 -11.34 14.15 -13.39
C SER A 137 -12.21 15.35 -13.05
N TYR A 138 -11.95 15.98 -11.92
CA TYR A 138 -12.74 17.14 -11.51
C TYR A 138 -12.01 17.80 -10.36
N LEU A 139 -12.37 19.06 -10.13
CA LEU A 139 -11.76 19.89 -9.09
C LEU A 139 -12.85 20.81 -8.57
N ASP A 140 -12.81 21.15 -7.27
CA ASP A 140 -13.83 22.01 -6.67
C ASP A 140 -13.18 22.86 -5.59
N SER A 141 -13.83 23.95 -5.23
CA SER A 141 -13.31 24.77 -4.14
C SER A 141 -14.45 25.52 -3.44
N ILE A 142 -14.14 25.93 -2.21
CA ILE A 142 -14.99 26.77 -1.36
C ILE A 142 -14.16 28.00 -1.04
N HIS A 143 -14.68 29.19 -1.35
CA HIS A 143 -13.84 30.37 -1.56
C HIS A 143 -13.38 31.06 -0.27
N PHE A 144 -13.12 30.33 0.82
CA PHE A 144 -12.77 31.00 2.08
C PHE A 144 -11.27 31.09 2.34
N PHE A 145 -10.41 30.77 1.36
CA PHE A 145 -8.97 30.92 1.59
C PHE A 145 -8.64 32.34 2.01
N ARG A 146 -7.81 32.46 3.05
CA ARG A 146 -7.37 33.73 3.60
C ARG A 146 -5.87 33.94 3.45
N PRO A 147 -5.42 35.04 2.86
CA PRO A 147 -6.19 36.16 2.35
C PRO A 147 -6.75 35.86 0.97
N ARG A 148 -7.86 36.55 0.69
CA ARG A 148 -8.53 36.43 -0.59
C ARG A 148 -7.59 36.68 -1.76
N CYS A 149 -6.71 37.68 -1.64
CA CYS A 149 -5.87 38.06 -2.77
C CYS A 149 -4.89 36.97 -3.17
N LEU A 150 -4.75 35.90 -2.39
CA LEU A 150 -3.84 34.81 -2.72
C LEU A 150 -4.55 33.52 -3.09
N ARG A 151 -5.89 33.51 -3.09
CA ARG A 151 -6.65 32.27 -3.30
C ARG A 151 -6.33 31.64 -4.66
N THR A 152 -6.48 32.40 -5.73
CA THR A 152 -6.27 31.85 -7.07
C THR A 152 -4.85 31.37 -7.23
N ALA A 153 -3.89 32.15 -6.74
CA ALA A 153 -2.49 31.75 -6.84
C ALA A 153 -2.25 30.42 -6.13
N VAL A 154 -2.89 30.21 -4.98
CA VAL A 154 -2.70 28.94 -4.28
C VAL A 154 -3.27 27.79 -5.09
N TYR A 155 -4.45 27.98 -5.69
CA TYR A 155 -5.02 26.94 -6.55
C TYR A 155 -4.05 26.58 -7.68
N HIS A 156 -3.46 27.59 -8.33
CA HIS A 156 -2.53 27.32 -9.43
C HIS A 156 -1.29 26.57 -8.94
N GLU A 157 -0.78 26.93 -7.77
CA GLU A 157 0.42 26.27 -7.25
C GLU A 157 0.17 24.78 -7.01
N ILE A 158 -1.03 24.45 -6.52
CA ILE A 158 -1.38 23.03 -6.33
C ILE A 158 -1.39 22.32 -7.67
N LEU A 159 -2.04 22.90 -8.68
CA LEU A 159 -2.11 22.23 -9.98
C LEU A 159 -0.72 22.12 -10.62
N ILE A 160 0.05 23.21 -10.56
CA ILE A 160 1.41 23.20 -11.09
C ILE A 160 2.25 22.16 -10.35
N GLY A 161 2.14 22.12 -9.02
CA GLY A 161 2.83 21.09 -8.25
C GLY A 161 2.45 19.68 -8.68
N TYR A 162 1.17 19.45 -9.00
CA TYR A 162 0.78 18.10 -9.42
C TYR A 162 1.44 17.73 -10.75
N LEU A 163 1.40 18.64 -11.72
CA LEU A 163 2.04 18.36 -13.00
C LEU A 163 3.52 18.10 -12.82
N GLU A 164 4.19 18.89 -11.98
CA GLU A 164 5.62 18.73 -11.74
C GLU A 164 5.91 17.35 -11.15
N TYR A 165 5.07 16.91 -10.19
CA TYR A 165 5.26 15.62 -9.55
C TYR A 165 5.08 14.47 -10.53
N VAL A 166 3.99 14.45 -11.30
CA VAL A 166 3.80 13.29 -12.17
C VAL A 166 4.82 13.30 -13.30
N LYS A 167 5.24 14.48 -13.75
CA LYS A 167 6.35 14.53 -14.70
C LYS A 167 7.57 13.81 -14.15
N LYS A 168 7.92 14.10 -12.89
CA LYS A 168 9.12 13.49 -12.31
C LYS A 168 8.99 11.98 -12.21
N LEU A 169 7.77 11.48 -11.97
CA LEU A 169 7.56 10.05 -11.89
C LEU A 169 7.61 9.40 -13.27
N GLY A 170 7.43 10.18 -14.32
CA GLY A 170 7.55 9.67 -15.68
C GLY A 170 6.29 9.72 -16.52
N TYR A 171 5.22 10.38 -16.06
CA TYR A 171 4.06 10.63 -16.92
C TYR A 171 4.42 11.66 -17.97
N VAL A 172 3.81 11.56 -19.14
CA VAL A 172 4.26 12.28 -20.32
C VAL A 172 3.30 13.38 -20.73
N THR A 173 2.00 13.14 -20.62
CA THR A 173 0.99 14.08 -21.08
C THR A 173 -0.08 14.18 -20.02
N GLY A 174 -0.57 15.41 -19.80
CA GLY A 174 -1.67 15.65 -18.89
C GLY A 174 -2.87 16.15 -19.68
N HIS A 175 -4.06 15.88 -19.18
CA HIS A 175 -5.27 16.23 -19.91
C HIS A 175 -6.27 16.93 -18.99
N ILE A 176 -6.84 18.03 -19.49
CA ILE A 176 -7.82 18.81 -18.74
C ILE A 176 -9.04 19.08 -19.62
N TRP A 177 -10.23 18.92 -19.06
CA TRP A 177 -11.49 19.30 -19.70
C TRP A 177 -12.07 20.48 -18.92
N ALA A 178 -12.07 21.67 -19.51
CA ALA A 178 -12.51 22.87 -18.80
C ALA A 178 -14.03 22.99 -18.87
N CYS A 179 -14.70 22.23 -18.02
CA CYS A 179 -16.17 22.20 -18.00
C CYS A 179 -16.67 22.64 -16.62
N PRO A 180 -17.15 23.86 -16.47
CA PRO A 180 -17.65 24.30 -15.16
C PRO A 180 -18.96 23.59 -14.83
N PRO A 181 -19.33 23.53 -13.56
CA PRO A 181 -20.57 22.84 -13.20
C PRO A 181 -21.80 23.63 -13.63
N SER A 182 -22.89 22.90 -13.83
CA SER A 182 -24.19 23.54 -13.99
C SER A 182 -24.65 24.14 -12.66
N GLU A 183 -25.59 25.06 -12.75
CA GLU A 183 -26.17 25.71 -11.58
C GLU A 183 -26.68 24.67 -10.59
N GLY A 184 -26.08 24.64 -9.40
CA GLY A 184 -26.52 23.73 -8.35
C GLY A 184 -25.96 22.32 -8.40
N ASP A 185 -25.02 22.04 -9.30
CA ASP A 185 -24.38 20.73 -9.37
C ASP A 185 -23.03 20.83 -8.66
N ASP A 186 -23.02 20.52 -7.37
CA ASP A 186 -21.78 20.56 -6.60
C ASP A 186 -20.86 19.43 -7.06
N TYR A 187 -19.63 19.78 -7.40
CA TYR A 187 -18.69 18.77 -7.86
C TYR A 187 -18.14 17.93 -6.71
N ILE A 188 -17.63 18.56 -5.66
CA ILE A 188 -17.09 17.84 -4.50
C ILE A 188 -17.73 18.31 -3.20
N PHE A 189 -17.88 19.62 -3.02
CA PHE A 189 -18.32 20.20 -1.75
C PHE A 189 -19.82 20.48 -1.80
N HIS A 190 -20.55 19.92 -0.83
CA HIS A 190 -22.00 20.06 -0.78
C HIS A 190 -22.39 21.46 -0.30
N CYS A 191 -23.19 22.18 -1.12
CA CYS A 191 -23.72 23.50 -0.78
CA CYS A 191 -23.71 23.50 -0.78
C CYS A 191 -22.63 24.57 -0.74
N HIS A 192 -22.25 25.09 -1.91
CA HIS A 192 -21.27 26.17 -1.99
C HIS A 192 -21.86 27.45 -1.36
N PRO A 193 -21.03 28.45 -1.10
CA PRO A 193 -21.54 29.74 -0.63
C PRO A 193 -22.40 30.40 -1.69
N PRO A 194 -23.54 30.99 -1.31
CA PRO A 194 -24.43 31.57 -2.31
C PRO A 194 -23.79 32.67 -3.14
N ASP A 195 -22.80 33.37 -2.61
CA ASP A 195 -22.17 34.46 -3.35
C ASP A 195 -20.90 34.03 -4.06
N GLN A 196 -20.57 32.73 -4.06
CA GLN A 196 -19.45 32.24 -4.85
C GLN A 196 -19.92 32.02 -6.28
N LYS A 197 -19.52 32.91 -7.18
CA LYS A 197 -19.92 32.84 -8.58
C LYS A 197 -19.30 31.62 -9.27
N ILE A 198 -20.00 31.10 -10.26
CA ILE A 198 -19.51 29.99 -11.09
C ILE A 198 -18.99 30.58 -12.40
N PRO A 199 -17.73 30.40 -12.73
CA PRO A 199 -17.25 30.90 -14.02
C PRO A 199 -17.90 30.16 -15.18
N LYS A 200 -18.15 30.89 -16.25
CA LYS A 200 -18.61 30.26 -17.48
C LYS A 200 -17.40 29.75 -18.25
N PRO A 201 -17.61 28.93 -19.29
CA PRO A 201 -16.45 28.30 -19.95
C PRO A 201 -15.31 29.23 -20.31
N LYS A 202 -15.60 30.41 -20.86
CA LYS A 202 -14.54 31.30 -21.30
C LYS A 202 -13.62 31.69 -20.15
N ARG A 203 -14.21 32.08 -19.01
CA ARG A 203 -13.39 32.45 -17.86
C ARG A 203 -12.57 31.26 -17.34
N LEU A 204 -13.19 30.09 -17.29
CA LEU A 204 -12.46 28.93 -16.79
C LEU A 204 -11.31 28.56 -17.71
N GLN A 205 -11.51 28.70 -19.04
CA GLN A 205 -10.45 28.38 -19.99
C GLN A 205 -9.23 29.26 -19.78
N GLU A 206 -9.44 30.57 -19.64
CA GLU A 206 -8.34 31.48 -19.38
C GLU A 206 -7.68 31.19 -18.03
N TRP A 207 -8.45 30.69 -17.06
CA TRP A 207 -7.90 30.38 -15.74
C TRP A 207 -6.89 29.23 -15.84
N PHE A 208 -7.24 28.18 -16.57
CA PHE A 208 -6.29 27.09 -16.83
C PHE A 208 -5.10 27.57 -17.66
N LYS A 209 -5.35 28.40 -18.68
CA LYS A 209 -4.25 28.94 -19.48
C LYS A 209 -3.27 29.73 -18.62
N LYS A 210 -3.77 30.52 -17.68
CA LYS A 210 -2.88 31.26 -16.79
C LYS A 210 -2.03 30.30 -15.98
N MET A 211 -2.66 29.25 -15.44
CA MET A 211 -1.93 28.25 -14.66
C MET A 211 -0.85 27.60 -15.52
N LEU A 212 -1.19 27.17 -16.73
CA LEU A 212 -0.24 26.46 -17.59
C LEU A 212 0.86 27.38 -18.08
N ASP A 213 0.55 28.65 -18.32
CA ASP A 213 1.57 29.60 -18.73
C ASP A 213 2.62 29.74 -17.64
N LYS A 214 2.19 29.72 -16.38
CA LYS A 214 3.13 29.79 -15.27
C LYS A 214 3.91 28.47 -15.16
N ALA A 215 3.25 27.34 -15.41
CA ALA A 215 3.98 26.07 -15.43
C ALA A 215 5.03 26.07 -16.54
N PHE A 216 4.71 26.67 -17.69
CA PHE A 216 5.67 26.76 -18.78
C PHE A 216 6.88 27.60 -18.40
N ALA A 217 6.64 28.77 -17.80
CA ALA A 217 7.75 29.65 -17.43
C ALA A 217 8.72 28.96 -16.47
N GLU A 218 8.23 28.02 -15.66
CA GLU A 218 9.08 27.30 -14.73
C GLU A 218 9.70 26.04 -15.34
N ARG A 219 9.52 25.82 -16.64
CA ARG A 219 10.07 24.66 -17.32
C ARG A 219 9.42 23.38 -16.83
N ILE A 220 8.25 23.48 -16.18
CA ILE A 220 7.60 22.27 -15.73
C ILE A 220 6.92 21.56 -16.89
N ILE A 221 6.27 22.29 -17.78
CA ILE A 221 5.70 21.70 -18.98
C ILE A 221 6.49 22.18 -20.19
N HIS A 222 6.46 21.39 -21.25
CA HIS A 222 7.16 21.75 -22.48
C HIS A 222 6.30 22.64 -23.36
N ASP A 223 5.01 22.37 -23.39
CA ASP A 223 4.03 23.12 -24.17
C ASP A 223 2.66 22.57 -23.79
N TYR A 224 1.61 23.28 -24.21
CA TYR A 224 0.28 22.70 -24.22
C TYR A 224 -0.41 23.14 -25.50
N LYS A 225 -1.38 22.34 -25.93
CA LYS A 225 -2.10 22.54 -27.18
C LYS A 225 -3.56 22.18 -27.00
N ASP A 226 -4.42 22.71 -27.87
CA ASP A 226 -5.79 22.21 -27.85
C ASP A 226 -5.87 20.86 -28.56
N ILE A 227 -6.95 20.13 -28.27
CA ILE A 227 -7.09 18.76 -28.78
C ILE A 227 -7.10 18.72 -30.32
N PHE A 228 -7.69 19.73 -30.96
CA PHE A 228 -7.74 19.75 -32.42
C PHE A 228 -6.34 19.93 -33.02
N LYS A 229 -5.60 20.92 -32.52
CA LYS A 229 -4.22 21.12 -32.98
C LYS A 229 -3.37 19.89 -32.69
N GLN A 230 -3.57 19.27 -31.54
CA GLN A 230 -2.80 18.07 -31.19
C GLN A 230 -3.09 16.93 -32.15
N ALA A 231 -4.38 16.64 -32.40
CA ALA A 231 -4.69 15.55 -33.32
C ALA A 231 -4.12 15.81 -34.70
N THR A 232 -4.21 17.05 -35.15
CA THR A 232 -3.62 17.42 -36.44
C THR A 232 -2.14 17.12 -36.49
N GLU A 233 -1.39 17.52 -35.45
CA GLU A 233 0.05 17.31 -35.50
C GLU A 233 0.40 15.83 -35.42
N ASP A 234 -0.40 15.06 -34.70
CA ASP A 234 -0.26 13.60 -34.63
C ASP A 234 -0.78 12.90 -35.86
N ARG A 235 -1.41 13.61 -36.79
CA ARG A 235 -2.02 12.98 -37.96
C ARG A 235 -2.94 11.83 -37.51
N LEU A 236 -3.73 12.09 -36.49
CA LEU A 236 -4.75 11.14 -36.01
C LEU A 236 -5.76 10.85 -37.13
N THR A 237 -5.97 9.57 -37.42
CA THR A 237 -6.88 9.16 -38.49
C THR A 237 -8.01 8.24 -38.02
N SER A 238 -7.95 7.72 -36.81
CA SER A 238 -8.98 6.83 -36.27
C SER A 238 -9.31 7.19 -34.84
N ALA A 239 -10.58 6.99 -34.46
CA ALA A 239 -11.00 7.24 -33.08
C ALA A 239 -10.27 6.36 -32.08
N LYS A 240 -9.71 5.22 -32.50
CA LYS A 240 -9.01 4.37 -31.53
C LYS A 240 -7.72 5.00 -30.99
N GLU A 241 -7.21 6.05 -31.61
CA GLU A 241 -5.99 6.72 -31.13
C GLU A 241 -6.27 7.80 -30.10
N LEU A 242 -7.54 8.07 -29.79
CA LEU A 242 -7.89 9.15 -28.87
C LEU A 242 -7.87 8.62 -27.44
N PRO A 243 -7.08 9.21 -26.53
CA PRO A 243 -7.04 8.71 -25.15
C PRO A 243 -8.44 8.59 -24.56
N TYR A 244 -8.68 7.50 -23.85
CA TYR A 244 -10.01 7.03 -23.46
C TYR A 244 -10.08 7.01 -21.94
N PHE A 245 -10.74 8.01 -21.34
CA PHE A 245 -10.71 8.22 -19.90
C PHE A 245 -12.09 8.02 -19.29
N GLU A 246 -12.10 7.56 -18.04
CA GLU A 246 -13.35 7.35 -17.33
C GLU A 246 -14.05 8.68 -17.09
N GLY A 247 -15.30 8.77 -17.52
CA GLY A 247 -16.13 9.93 -17.27
C GLY A 247 -15.85 11.14 -18.15
N ASP A 248 -14.93 11.02 -19.12
CA ASP A 248 -14.56 12.11 -20.00
C ASP A 248 -15.61 12.27 -21.11
N PHE A 249 -15.48 13.37 -21.84
CA PHE A 249 -16.41 13.71 -22.93
C PHE A 249 -16.38 12.67 -24.05
N TRP A 250 -15.18 12.22 -24.41
CA TRP A 250 -15.01 11.61 -25.73
C TRP A 250 -15.57 10.19 -25.86
N PRO A 251 -15.53 9.31 -24.84
CA PRO A 251 -16.11 7.98 -25.03
C PRO A 251 -17.58 8.01 -25.46
N ASN A 252 -18.39 8.92 -24.91
CA ASN A 252 -19.80 8.99 -25.30
C ASN A 252 -19.96 9.59 -26.68
N VAL A 253 -19.16 10.61 -27.00
CA VAL A 253 -19.14 11.14 -28.37
C VAL A 253 -18.84 10.01 -29.35
N LEU A 254 -17.88 9.16 -29.00
CA LEU A 254 -17.50 8.10 -29.90
C LEU A 254 -18.61 7.06 -30.04
N GLU A 255 -19.33 6.75 -28.94
CA GLU A 255 -20.47 5.85 -29.08
C GLU A 255 -21.48 6.40 -30.06
N GLU A 256 -21.73 7.71 -29.97
CA GLU A 256 -22.72 8.35 -30.84
C GLU A 256 -22.26 8.31 -32.30
N SER A 257 -20.99 8.58 -32.54
CA SER A 257 -20.44 8.51 -33.89
C SER A 257 -20.61 7.12 -34.48
N ILE A 258 -20.49 6.08 -33.65
CA ILE A 258 -20.62 4.73 -34.16
C ILE A 258 -22.08 4.38 -34.41
N LYS A 259 -22.98 4.80 -33.52
CA LYS A 259 -24.41 4.62 -33.75
C LYS A 259 -24.88 5.40 -34.98
N GLU A 260 -24.69 6.73 -34.95
CA GLU A 260 -25.05 7.57 -36.09
C GLU A 260 -24.49 7.03 -37.41
N SER A 261 -23.26 6.55 -37.39
CA SER A 261 -22.60 5.93 -38.55
C SER A 261 -22.45 6.90 -39.71
N GLY A 263 -19.44 3.59 -40.83
CA GLY A 263 -18.24 3.87 -41.60
C GLY A 263 -17.20 4.64 -40.80
N SER A 264 -16.26 5.28 -41.50
CA SER A 264 -15.23 6.06 -40.81
C SER A 264 -15.81 7.38 -40.34
N GLY A 265 -15.85 7.58 -39.03
CA GLY A 265 -16.26 8.86 -38.50
C GLY A 265 -15.14 9.87 -38.35
N SER A 266 -13.96 9.57 -38.89
CA SER A 266 -12.77 10.36 -38.58
C SER A 266 -12.95 11.82 -39.03
N GLN A 267 -13.61 12.03 -40.16
CA GLN A 267 -13.85 13.41 -40.62
C GLN A 267 -14.73 14.17 -39.64
N LYS A 268 -15.83 13.56 -39.19
CA LYS A 268 -16.71 14.23 -38.24
C LYS A 268 -16.03 14.41 -36.89
N LEU A 269 -15.19 13.47 -36.50
CA LEU A 269 -14.45 13.64 -35.25
C LEU A 269 -13.64 14.93 -35.28
N TYR A 270 -12.99 15.25 -36.41
CA TYR A 270 -12.22 16.49 -36.45
C TYR A 270 -13.12 17.72 -36.31
N ALA A 271 -14.31 17.68 -36.91
CA ALA A 271 -15.26 18.78 -36.72
C ALA A 271 -15.67 18.92 -35.27
N THR A 272 -15.89 17.80 -34.59
CA THR A 272 -16.26 17.81 -33.17
C THR A 272 -15.13 18.31 -32.31
N MET A 273 -13.91 17.80 -32.54
CA MET A 273 -12.74 18.32 -31.86
C MET A 273 -12.58 19.82 -32.09
N GLU A 274 -12.76 20.26 -33.33
CA GLU A 274 -12.60 21.68 -33.62
C GLU A 274 -13.66 22.51 -32.90
N LYS A 275 -14.92 22.02 -32.88
CA LYS A 275 -16.00 22.80 -32.29
C LYS A 275 -15.76 23.07 -30.83
N HIS A 276 -15.17 22.11 -30.12
CA HIS A 276 -14.98 22.21 -28.68
C HIS A 276 -13.52 22.40 -28.29
N LYS A 277 -12.67 22.86 -29.21
CA LYS A 277 -11.22 22.77 -28.99
C LYS A 277 -10.76 23.62 -27.81
N GLU A 278 -11.42 24.74 -27.52
CA GLU A 278 -10.94 25.64 -26.48
C GLU A 278 -11.05 25.02 -25.09
N VAL A 279 -11.89 24.01 -24.91
CA VAL A 279 -12.14 23.48 -23.58
C VAL A 279 -11.30 22.25 -23.28
N PHE A 280 -10.56 21.72 -24.26
CA PHE A 280 -9.82 20.47 -24.11
C PHE A 280 -8.33 20.73 -24.28
N PHE A 281 -7.59 20.63 -23.18
CA PHE A 281 -6.15 20.88 -23.13
C PHE A 281 -5.35 19.59 -23.20
N VAL A 282 -4.27 19.60 -24.00
CA VAL A 282 -3.28 18.54 -24.00
C VAL A 282 -1.96 19.15 -23.54
N ILE A 283 -1.41 18.61 -22.45
CA ILE A 283 -0.24 19.21 -21.79
C ILE A 283 0.92 18.26 -21.89
N HIS A 284 2.03 18.72 -22.48
CA HIS A 284 3.21 17.86 -22.67
C HIS A 284 4.20 18.10 -21.53
N LEU A 285 4.32 17.11 -20.64
CA LEU A 285 5.28 17.17 -19.53
C LEU A 285 6.69 16.83 -19.97
N HIS A 286 6.82 15.85 -20.86
CA HIS A 286 8.04 15.54 -21.58
C HIS A 286 7.71 15.61 -23.07
N ALA A 287 8.75 15.83 -23.89
CA ALA A 287 8.57 15.88 -25.34
C ALA A 287 9.85 15.38 -26.00
N GLY A 288 9.70 14.89 -27.22
CA GLY A 288 10.83 14.45 -28.00
C GLY A 288 11.14 12.98 -27.75
N PRO A 289 12.27 12.49 -28.25
CA PRO A 289 12.54 11.04 -28.21
C PRO A 289 12.65 10.46 -26.80
N VAL A 290 12.92 11.27 -25.77
CA VAL A 290 13.04 10.72 -24.41
C VAL A 290 11.78 9.99 -23.98
N ILE A 291 10.62 10.34 -24.56
CA ILE A 291 9.37 9.79 -24.05
C ILE A 291 9.26 8.30 -24.31
N ASN A 292 10.08 7.75 -25.22
CA ASN A 292 10.10 6.31 -25.43
C ASN A 292 11.28 5.62 -24.74
N THR A 293 12.01 6.32 -23.86
CA THR A 293 13.16 5.76 -23.15
C THR A 293 13.05 5.85 -21.63
N LEU A 294 11.90 6.19 -21.09
CA LEU A 294 11.79 6.42 -19.66
C LEU A 294 11.71 5.09 -18.89
N PRO A 295 12.19 5.07 -17.65
CA PRO A 295 12.06 3.86 -16.86
C PRO A 295 10.61 3.63 -16.47
N PRO A 296 10.26 2.46 -15.95
CA PRO A 296 8.88 2.23 -15.56
C PRO A 296 8.42 3.24 -14.52
N ILE A 297 7.11 3.52 -14.51
CA ILE A 297 6.53 4.37 -13.47
C ILE A 297 6.22 3.49 -12.26
N VAL A 298 6.88 3.79 -11.13
CA VAL A 298 6.65 3.07 -9.88
C VAL A 298 6.20 4.11 -8.85
N ASP A 299 4.96 4.02 -8.44
CA ASP A 299 4.40 4.97 -7.47
C ASP A 299 4.96 4.69 -6.07
N PRO A 300 5.64 5.64 -5.43
CA PRO A 300 6.23 5.37 -4.11
C PRO A 300 5.24 5.37 -2.96
N ASP A 301 3.95 5.81 -3.17
CA ASP A 301 2.93 5.86 -2.13
C ASP A 301 2.06 4.61 -2.19
N PRO A 302 1.58 4.12 -1.04
CA PRO A 302 0.64 3.00 -1.07
C PRO A 302 -0.74 3.47 -1.50
N LEU A 303 -1.57 2.52 -1.90
CA LEU A 303 -2.98 2.82 -2.07
C LEU A 303 -3.58 3.13 -0.70
N LEU A 304 -4.63 3.94 -0.70
CA LEU A 304 -5.28 4.38 0.54
C LEU A 304 -6.76 4.06 0.41
N SER A 305 -7.18 2.96 1.03
CA SER A 305 -8.56 2.52 0.90
C SER A 305 -9.45 3.42 1.76
N CYS A 306 -10.32 4.19 1.11
CA CYS A 306 -11.20 5.13 1.78
C CYS A 306 -12.45 5.30 0.91
N ASP A 307 -13.38 4.35 1.08
CA ASP A 307 -14.60 4.30 0.26
C ASP A 307 -15.35 5.62 0.25
N LEU A 308 -15.34 6.35 1.37
CA LEU A 308 -16.08 7.59 1.48
C LEU A 308 -15.61 8.63 0.46
N MET A 309 -14.31 8.70 0.22
CA MET A 309 -13.74 9.73 -0.65
C MET A 309 -13.37 9.20 -2.03
N ASP A 310 -13.60 7.92 -2.29
CA ASP A 310 -13.37 7.39 -3.63
C ASP A 310 -14.59 7.69 -4.49
N GLY A 311 -14.38 8.47 -5.54
CA GLY A 311 -15.46 9.05 -6.31
C GLY A 311 -16.07 10.23 -5.57
N ARG A 312 -17.00 10.91 -6.24
CA ARG A 312 -17.60 12.11 -5.66
C ARG A 312 -18.95 11.85 -5.02
N ASP A 313 -19.65 10.80 -5.44
CA ASP A 313 -21.01 10.60 -4.97
C ASP A 313 -21.06 10.28 -3.48
N ALA A 314 -20.11 9.48 -2.98
CA ALA A 314 -20.17 9.08 -1.58
C ALA A 314 -20.08 10.29 -0.66
N PHE A 315 -19.09 11.16 -0.88
CA PHE A 315 -18.88 12.30 0.03
C PHE A 315 -20.03 13.31 -0.08
N LEU A 316 -20.51 13.56 -1.29
CA LEU A 316 -21.68 14.41 -1.46
C LEU A 316 -22.88 13.79 -0.74
N THR A 317 -23.10 12.50 -0.93
CA THR A 317 -24.23 11.85 -0.27
C THR A 317 -24.12 11.97 1.24
N LEU A 318 -22.94 11.67 1.78
CA LEU A 318 -22.76 11.73 3.22
C LEU A 318 -23.04 13.13 3.76
N ALA A 319 -22.47 14.15 3.12
CA ALA A 319 -22.67 15.52 3.57
C ALA A 319 -24.13 15.92 3.45
N ARG A 320 -24.80 15.51 2.37
CA ARG A 320 -26.21 15.81 2.23
C ARG A 320 -27.02 15.13 3.33
N ASP A 321 -26.74 13.85 3.59
CA ASP A 321 -27.49 13.13 4.62
C ASP A 321 -27.21 13.65 6.01
N LYS A 322 -26.08 14.30 6.23
CA LYS A 322 -25.70 14.75 7.56
C LYS A 322 -25.70 16.27 7.67
N HIS A 323 -26.23 16.95 6.66
CA HIS A 323 -26.39 18.41 6.68
C HIS A 323 -25.05 19.12 6.89
N TRP A 324 -24.01 18.58 6.25
CA TRP A 324 -22.69 19.20 6.25
C TRP A 324 -22.62 20.11 5.02
N GLU A 325 -22.76 21.41 5.25
CA GLU A 325 -22.73 22.40 4.17
C GLU A 325 -21.41 23.17 4.21
N PHE A 326 -21.07 23.77 3.06
CA PHE A 326 -19.88 24.62 2.96
C PHE A 326 -20.27 26.02 2.48
N SER A 327 -21.43 26.49 2.93
CA SER A 327 -22.06 27.68 2.39
C SER A 327 -21.70 28.96 3.15
N SER A 328 -21.00 28.83 4.28
CA SER A 328 -20.42 29.96 5.01
C SER A 328 -19.14 29.45 5.65
N LEU A 329 -18.33 30.39 6.16
CA LEU A 329 -17.11 29.98 6.87
C LEU A 329 -17.43 29.15 8.11
N ARG A 330 -18.43 29.57 8.89
CA ARG A 330 -18.76 28.82 10.10
C ARG A 330 -19.23 27.41 9.77
N ARG A 331 -20.08 27.27 8.75
CA ARG A 331 -20.49 25.92 8.38
C ARG A 331 -19.32 25.13 7.80
N SER A 332 -18.44 25.78 7.05
CA SER A 332 -17.29 25.07 6.47
C SER A 332 -16.33 24.59 7.56
N LYS A 333 -16.15 25.39 8.61
CA LYS A 333 -15.35 24.94 9.74
C LYS A 333 -15.97 23.70 10.38
N TRP A 334 -17.28 23.71 10.58
CA TRP A 334 -17.92 22.54 11.19
C TRP A 334 -17.79 21.33 10.28
N SER A 335 -18.15 21.49 9.00
CA SER A 335 -18.11 20.35 8.09
C SER A 335 -16.69 19.80 7.92
N THR A 336 -15.67 20.67 7.98
CA THR A 336 -14.29 20.18 7.93
C THR A 336 -13.96 19.34 9.17
N LEU A 337 -14.39 19.79 10.35
CA LEU A 337 -14.22 18.96 11.54
C LEU A 337 -14.88 17.60 11.34
N CYS A 338 -16.12 17.59 10.88
CA CYS A 338 -16.82 16.31 10.77
C CYS A 338 -16.15 15.39 9.76
N MET A 339 -15.67 15.95 8.64
CA MET A 339 -14.95 15.15 7.64
C MET A 339 -13.67 14.56 8.23
N LEU A 340 -12.94 15.36 9.01
CA LEU A 340 -11.69 14.90 9.64
C LEU A 340 -11.95 13.80 10.66
N VAL A 341 -13.03 13.93 11.44
CA VAL A 341 -13.38 12.84 12.36
C VAL A 341 -13.69 11.57 11.57
N GLU A 342 -14.45 11.70 10.48
CA GLU A 342 -14.74 10.53 9.64
C GLU A 342 -13.45 9.93 9.11
N LEU A 343 -12.57 10.77 8.55
CA LEU A 343 -11.34 10.27 7.94
C LEU A 343 -10.44 9.59 8.96
N HIS A 344 -10.41 10.10 10.18
CA HIS A 344 -9.50 9.51 11.15
C HIS A 344 -10.05 8.24 11.78
N THR A 345 -11.37 8.16 11.96
CA THR A 345 -11.96 7.10 12.78
C THR A 345 -12.62 6.00 11.99
N GLN A 346 -12.24 5.79 10.72
CA GLN A 346 -12.74 4.64 9.95
C GLN A 346 -12.74 3.36 10.80
N HIS B 25 -3.50 -28.74 37.35
CA HIS B 25 -3.94 -27.82 38.39
C HIS B 25 -3.67 -26.36 38.02
N THR B 26 -4.54 -25.76 37.19
CA THR B 26 -4.30 -24.42 36.66
C THR B 26 -4.13 -23.40 37.80
N ASN B 27 -3.14 -22.54 37.65
CA ASN B 27 -2.65 -21.67 38.73
C ASN B 27 -2.12 -20.39 38.09
N LYS B 28 -1.71 -19.44 38.92
CA LYS B 28 -1.32 -18.14 38.35
C LYS B 28 -0.08 -18.23 37.46
N PHE B 29 0.70 -19.32 37.55
CA PHE B 29 1.90 -19.46 36.74
C PHE B 29 1.72 -20.39 35.54
N SER B 30 0.48 -20.71 35.17
CA SER B 30 0.27 -21.67 34.10
C SER B 30 0.31 -20.98 32.73
N ALA B 31 0.66 -21.75 31.71
CA ALA B 31 0.64 -21.18 30.36
C ALA B 31 -0.76 -20.72 29.99
N LYS B 32 -1.78 -21.45 30.45
CA LYS B 32 -3.16 -21.10 30.12
C LYS B 32 -3.52 -19.70 30.62
N ARG B 33 -2.93 -19.28 31.73
CA ARG B 33 -3.31 -17.99 32.30
C ARG B 33 -2.57 -16.81 31.70
N LEU B 34 -1.59 -17.06 30.82
CA LEU B 34 -1.03 -15.97 30.02
C LEU B 34 -2.13 -15.31 29.21
N GLN B 35 -2.01 -14.00 29.02
CA GLN B 35 -3.03 -13.21 28.34
C GLN B 35 -3.36 -13.79 26.97
N THR B 36 -4.65 -14.00 26.70
CA THR B 36 -5.07 -14.56 25.43
C THR B 36 -5.25 -13.46 24.38
N THR B 37 -5.17 -13.86 23.10
CA THR B 37 -5.36 -12.94 21.98
C THR B 37 -6.19 -13.65 20.93
N ARG B 38 -6.77 -12.88 19.99
CA ARG B 38 -7.46 -13.54 18.89
C ARG B 38 -6.49 -14.36 18.04
N LEU B 39 -5.29 -13.83 17.78
CA LEU B 39 -4.31 -14.61 17.00
C LEU B 39 -3.93 -15.90 17.73
N GLY B 40 -3.52 -15.79 19.00
CA GLY B 40 -3.14 -16.97 19.76
C GLY B 40 -4.28 -17.98 19.87
N ASN B 41 -5.50 -17.49 20.13
CA ASN B 41 -6.65 -18.37 20.23
C ASN B 41 -6.94 -19.08 18.91
N HIS B 42 -6.79 -18.38 17.79
CA HIS B 42 -7.03 -19.02 16.50
C HIS B 42 -6.04 -20.15 16.25
N LEU B 43 -4.77 -19.92 16.54
CA LEU B 43 -3.76 -20.97 16.39
C LEU B 43 -4.05 -22.14 17.33
N GLU B 44 -4.37 -21.83 18.58
CA GLU B 44 -4.64 -22.87 19.56
C GLU B 44 -5.84 -23.70 19.18
N ASP B 45 -6.90 -23.07 18.68
CA ASP B 45 -8.08 -23.85 18.30
C ASP B 45 -7.78 -24.77 17.13
N ARG B 46 -6.97 -24.31 16.19
CA ARG B 46 -6.62 -25.17 15.06
C ARG B 46 -5.81 -26.39 15.51
N VAL B 47 -4.85 -26.18 16.40
CA VAL B 47 -4.00 -27.29 16.84
C VAL B 47 -4.80 -28.30 17.64
N ASN B 48 -5.58 -27.82 18.62
CA ASN B 48 -6.31 -28.76 19.46
C ASN B 48 -7.43 -29.45 18.69
N LYS B 49 -8.03 -28.77 17.70
CA LYS B 49 -8.99 -29.46 16.85
C LYS B 49 -8.31 -30.58 16.07
N PHE B 50 -7.11 -30.30 15.55
CA PHE B 50 -6.36 -31.32 14.85
C PHE B 50 -6.01 -32.48 15.79
N LEU B 51 -5.58 -32.16 17.02
CA LEU B 51 -5.18 -33.22 17.94
C LEU B 51 -6.38 -34.06 18.34
N ARG B 52 -7.56 -33.44 18.49
CA ARG B 52 -8.74 -34.21 18.83
C ARG B 52 -9.12 -35.18 17.72
N ARG B 53 -8.96 -34.77 16.45
CA ARG B 53 -9.22 -35.70 15.36
C ARG B 53 -8.26 -36.88 15.39
N GLN B 54 -7.03 -36.67 15.85
CA GLN B 54 -6.04 -37.74 15.86
C GLN B 54 -6.36 -38.78 16.94
N ASN B 55 -6.90 -38.35 18.07
CA ASN B 55 -7.33 -39.25 19.13
C ASN B 55 -6.17 -40.08 19.68
N HIS B 56 -4.98 -39.46 19.75
CA HIS B 56 -3.85 -40.15 20.35
C HIS B 56 -3.87 -39.95 21.86
N PRO B 57 -3.79 -41.02 22.67
CA PRO B 57 -3.98 -40.86 24.11
C PRO B 57 -2.82 -40.18 24.81
N GLU B 58 -1.64 -40.13 24.20
CA GLU B 58 -0.49 -39.50 24.82
C GLU B 58 -0.50 -37.99 24.68
N ALA B 59 -1.33 -37.44 23.79
CA ALA B 59 -1.25 -36.02 23.48
C ALA B 59 -1.89 -35.20 24.59
N GLY B 60 -1.18 -34.14 25.01
CA GLY B 60 -1.72 -33.21 25.96
C GLY B 60 -2.29 -31.98 25.27
N GLU B 61 -3.03 -31.19 26.03
CA GLU B 61 -3.57 -29.93 25.52
C GLU B 61 -2.44 -28.99 25.11
N VAL B 62 -2.70 -28.16 24.09
CA VAL B 62 -1.73 -27.19 23.60
C VAL B 62 -2.27 -25.78 23.85
N PHE B 63 -1.41 -24.91 24.35
CA PHE B 63 -1.72 -23.50 24.53
C PHE B 63 -0.80 -22.70 23.64
N VAL B 64 -1.36 -21.81 22.84
CA VAL B 64 -0.58 -20.88 22.00
C VAL B 64 -0.85 -19.48 22.52
N ARG B 65 0.23 -18.75 22.82
CA ARG B 65 0.11 -17.43 23.41
C ARG B 65 1.02 -16.46 22.68
N VAL B 66 0.47 -15.32 22.31
CA VAL B 66 1.30 -14.20 21.88
C VAL B 66 1.83 -13.55 23.14
N VAL B 67 3.15 -13.52 23.30
CA VAL B 67 3.72 -12.97 24.52
C VAL B 67 4.30 -11.58 24.33
N ALA B 68 4.45 -11.12 23.09
CA ALA B 68 4.94 -9.76 22.87
C ALA B 68 4.44 -9.27 21.52
N SER B 69 4.13 -7.98 21.46
CA SER B 69 3.61 -7.34 20.25
C SER B 69 3.99 -5.87 20.32
N SER B 70 4.74 -5.38 19.33
CA SER B 70 5.11 -3.97 19.33
C SER B 70 5.23 -3.46 17.90
N ASP B 71 5.17 -2.13 17.78
CA ASP B 71 5.30 -1.45 16.49
C ASP B 71 6.74 -0.97 16.31
N LYS B 72 7.28 -1.22 15.13
CA LYS B 72 8.65 -0.85 14.81
C LYS B 72 8.68 -0.29 13.39
N THR B 73 9.86 0.13 12.97
CA THR B 73 10.13 0.48 11.58
C THR B 73 11.49 -0.09 11.20
N VAL B 74 11.63 -0.53 9.96
CA VAL B 74 12.93 -0.87 9.41
C VAL B 74 13.37 0.27 8.50
N GLU B 75 14.58 0.75 8.72
CA GLU B 75 15.12 1.89 7.96
C GLU B 75 15.93 1.39 6.78
N VAL B 76 15.73 2.02 5.63
CA VAL B 76 16.51 1.66 4.45
C VAL B 76 17.96 2.05 4.67
N LYS B 77 18.87 1.11 4.40
CA LYS B 77 20.29 1.25 4.65
C LYS B 77 20.92 2.30 3.73
N PRO B 78 22.13 2.76 4.06
CA PRO B 78 22.61 4.02 3.44
C PRO B 78 22.75 3.98 1.93
N GLY B 79 23.21 2.86 1.38
CA GLY B 79 23.39 2.80 -0.06
C GLY B 79 22.07 2.88 -0.81
N MET B 80 21.11 2.02 -0.46
CA MET B 80 19.78 2.10 -1.07
C MET B 80 19.14 3.44 -0.80
N LYS B 81 19.37 4.00 0.40
CA LYS B 81 18.77 5.29 0.73
C LYS B 81 19.29 6.36 -0.21
N SER B 82 20.60 6.40 -0.44
CA SER B 82 21.15 7.43 -1.32
C SER B 82 20.65 7.24 -2.77
N ARG B 83 20.48 6.00 -3.20
CA ARG B 83 20.08 5.75 -4.58
C ARG B 83 18.60 6.02 -4.81
N PHE B 84 17.75 5.52 -3.92
CA PHE B 84 16.32 5.52 -4.17
C PHE B 84 15.50 6.39 -3.24
N VAL B 85 15.88 6.53 -1.99
CA VAL B 85 15.08 7.31 -1.05
C VAL B 85 15.24 8.80 -1.32
N ASP B 86 16.48 9.27 -1.46
CA ASP B 86 16.69 10.70 -1.56
C ASP B 86 16.19 11.28 -2.87
N SER B 87 15.99 10.45 -3.88
CA SER B 87 15.35 10.85 -5.13
C SER B 87 13.83 10.73 -5.07
N GLY B 88 13.28 10.28 -3.95
CA GLY B 88 11.84 10.15 -3.80
C GLY B 88 11.22 8.94 -4.45
N GLU B 89 12.02 7.94 -4.83
CA GLU B 89 11.47 6.76 -5.49
C GLU B 89 11.07 5.66 -4.52
N MET B 90 11.49 5.76 -3.27
CA MET B 90 11.23 4.70 -2.28
C MET B 90 11.14 5.34 -0.91
N SER B 91 10.29 4.78 -0.03
CA SER B 91 10.15 5.31 1.32
C SER B 91 11.44 5.10 2.13
N GLU B 92 11.73 6.05 3.02
CA GLU B 92 12.93 5.92 3.86
C GLU B 92 12.81 4.81 4.89
N SER B 93 11.60 4.39 5.22
CA SER B 93 11.43 3.35 6.22
C SER B 93 10.05 2.73 6.07
N PHE B 94 9.87 1.58 6.73
CA PHE B 94 8.66 0.78 6.58
C PHE B 94 8.19 0.40 7.97
N PRO B 95 7.00 0.81 8.38
CA PRO B 95 6.48 0.42 9.70
C PRO B 95 5.89 -0.99 9.64
N TYR B 96 6.14 -1.74 10.71
CA TYR B 96 5.60 -3.09 10.85
C TYR B 96 5.28 -3.35 12.33
N ARG B 97 4.37 -4.26 12.55
CA ARG B 97 4.12 -4.77 13.89
C ARG B 97 4.88 -6.07 14.01
N THR B 98 5.61 -6.26 15.10
CA THR B 98 6.29 -7.52 15.33
C THR B 98 5.64 -8.25 16.50
N LYS B 99 5.49 -9.57 16.37
CA LYS B 99 4.85 -10.40 17.38
C LYS B 99 5.70 -11.62 17.65
N ALA B 100 5.77 -11.98 18.93
CA ALA B 100 6.44 -13.19 19.39
C ALA B 100 5.41 -14.14 19.96
N LEU B 101 5.39 -15.37 19.49
CA LEU B 101 4.43 -16.31 20.04
C LEU B 101 5.10 -17.63 20.42
N PHE B 102 4.49 -18.32 21.38
CA PHE B 102 4.99 -19.58 21.91
C PHE B 102 3.86 -20.58 21.99
N ALA B 103 4.19 -21.86 21.81
CA ALA B 103 3.27 -22.96 22.04
C ALA B 103 3.78 -23.81 23.20
N PHE B 104 2.86 -24.22 24.08
CA PHE B 104 3.14 -25.06 25.23
C PHE B 104 2.25 -26.30 25.14
N GLU B 105 2.76 -27.44 25.56
CA GLU B 105 1.93 -28.64 25.64
C GLU B 105 1.96 -29.14 27.07
N GLU B 106 0.83 -29.65 27.55
CA GLU B 106 0.81 -30.34 28.84
C GLU B 106 1.52 -31.68 28.71
N ILE B 107 2.56 -31.90 29.49
CA ILE B 107 3.27 -33.17 29.49
C ILE B 107 3.51 -33.55 30.95
N ASP B 108 3.04 -34.74 31.35
CA ASP B 108 3.14 -35.21 32.73
C ASP B 108 2.53 -34.20 33.71
N GLY B 109 1.53 -33.45 33.27
CA GLY B 109 0.84 -32.51 34.13
C GLY B 109 1.49 -31.14 34.27
N VAL B 110 2.58 -30.86 33.55
CA VAL B 110 3.17 -29.52 33.59
C VAL B 110 3.26 -28.97 32.17
N ASP B 111 3.36 -27.65 32.08
CA ASP B 111 3.55 -26.98 30.79
C ASP B 111 4.99 -27.15 30.33
N VAL B 112 5.16 -27.46 29.05
CA VAL B 112 6.47 -27.52 28.40
C VAL B 112 6.41 -26.67 27.12
N CYS B 113 7.25 -25.64 27.06
CA CYS B 113 7.36 -24.84 25.85
C CYS B 113 8.12 -25.63 24.79
N PHE B 114 7.53 -25.79 23.60
CA PHE B 114 8.15 -26.61 22.56
C PHE B 114 8.30 -25.94 21.20
N PHE B 115 7.78 -24.73 21.00
CA PHE B 115 7.82 -24.10 19.69
C PHE B 115 7.70 -22.60 19.91
N GLY B 116 8.49 -21.84 19.16
CA GLY B 116 8.40 -20.39 19.20
C GLY B 116 8.60 -19.80 17.83
N MET B 117 8.00 -18.63 17.61
CA MET B 117 8.10 -17.99 16.30
C MET B 117 7.93 -16.48 16.45
N HIS B 118 8.70 -15.72 15.67
CA HIS B 118 8.57 -14.27 15.62
C HIS B 118 8.16 -13.87 14.20
N VAL B 119 7.28 -12.87 14.07
CA VAL B 119 6.79 -12.46 12.76
C VAL B 119 6.88 -10.95 12.65
N GLN B 120 6.94 -10.46 11.40
CA GLN B 120 6.88 -9.04 11.06
C GLN B 120 5.69 -8.82 10.14
N GLU B 121 4.84 -7.86 10.45
CA GLU B 121 3.58 -7.67 9.72
C GLU B 121 3.51 -6.25 9.21
N TYR B 122 3.55 -6.11 7.88
CA TYR B 122 3.57 -4.81 7.21
C TYR B 122 2.17 -4.55 6.69
N GLY B 123 1.45 -3.64 7.34
CA GLY B 123 0.05 -3.46 7.08
C GLY B 123 -0.27 -2.62 5.86
N SER B 124 -1.53 -2.17 5.79
CA SER B 124 -2.00 -1.47 4.61
C SER B 124 -1.63 0.01 4.59
N ASP B 125 -1.18 0.57 5.71
CA ASP B 125 -0.62 1.91 5.73
C ASP B 125 0.87 1.96 5.36
N CYS B 126 1.47 0.84 5.07
CA CYS B 126 2.90 0.72 4.78
C CYS B 126 3.17 1.00 3.30
N PRO B 127 4.16 1.83 2.96
CA PRO B 127 4.41 2.14 1.55
C PRO B 127 4.94 0.93 0.83
N PRO B 128 4.83 0.90 -0.50
CA PRO B 128 5.48 -0.16 -1.27
C PRO B 128 6.99 -0.10 -1.08
N PRO B 129 7.69 -1.21 -1.26
CA PRO B 129 7.21 -2.51 -1.74
C PRO B 129 6.69 -3.46 -0.65
N ASN B 130 6.46 -3.02 0.59
CA ASN B 130 6.14 -3.90 1.71
C ASN B 130 4.66 -3.99 2.03
N THR B 131 3.80 -3.34 1.26
CA THR B 131 2.39 -3.18 1.66
C THR B 131 1.67 -4.52 1.77
N ARG B 132 0.99 -4.73 2.92
CA ARG B 132 0.17 -5.92 3.15
C ARG B 132 0.97 -7.22 3.01
N ARG B 133 2.16 -7.25 3.63
CA ARG B 133 3.01 -8.43 3.63
C ARG B 133 3.38 -8.84 5.06
N VAL B 134 3.56 -10.16 5.26
CA VAL B 134 4.07 -10.68 6.52
C VAL B 134 5.34 -11.45 6.20
N TYR B 135 6.27 -11.44 7.14
CA TYR B 135 7.56 -12.12 7.02
C TYR B 135 7.78 -12.89 8.31
N ILE B 136 8.12 -14.18 8.21
CA ILE B 136 8.50 -14.94 9.39
C ILE B 136 9.97 -14.63 9.67
N SER B 137 10.25 -13.99 10.81
CA SER B 137 11.63 -13.64 11.16
C SER B 137 12.43 -14.89 11.50
N TYR B 138 11.92 -15.72 12.39
CA TYR B 138 12.61 -16.95 12.74
C TYR B 138 11.62 -17.80 13.51
N LEU B 139 11.95 -19.08 13.58
CA LEU B 139 11.12 -20.07 14.20
C LEU B 139 12.09 -21.04 14.85
N ASP B 140 11.69 -21.62 15.98
CA ASP B 140 12.56 -22.56 16.69
C ASP B 140 11.70 -23.59 17.41
N SER B 141 12.29 -24.72 17.74
CA SER B 141 11.56 -25.73 18.49
C SER B 141 12.49 -26.59 19.31
N ILE B 142 11.91 -27.25 20.31
CA ILE B 142 12.56 -28.24 21.17
C ILE B 142 11.74 -29.52 21.07
N HIS B 143 12.38 -30.62 20.67
CA HIS B 143 11.61 -31.73 20.11
C HIS B 143 10.91 -32.66 21.10
N PHE B 144 10.39 -32.15 22.23
CA PHE B 144 9.77 -33.05 23.22
C PHE B 144 8.26 -33.15 23.09
N PHE B 145 7.65 -32.64 22.02
CA PHE B 145 6.20 -32.82 21.85
C PHE B 145 5.84 -34.29 21.89
N ARG B 146 4.80 -34.62 22.67
CA ARG B 146 4.33 -35.97 22.87
C ARG B 146 2.94 -36.13 22.27
N PRO B 147 2.69 -37.10 21.40
CA PRO B 147 3.59 -38.16 20.91
C PRO B 147 4.51 -37.67 19.79
N ARG B 148 5.67 -38.30 19.66
CA ARG B 148 6.64 -37.93 18.63
C ARG B 148 6.01 -37.95 17.24
N CYS B 149 5.16 -38.94 16.96
CA CYS B 149 4.62 -39.09 15.61
C CYS B 149 3.71 -37.93 15.20
N LEU B 150 3.32 -37.04 16.10
CA LEU B 150 2.50 -35.89 15.75
C LEU B 150 3.26 -34.56 15.78
N ARG B 151 4.54 -34.56 16.12
CA ARG B 151 5.28 -33.31 16.30
C ARG B 151 5.26 -32.43 15.04
N THR B 152 5.71 -32.98 13.91
CA THR B 152 5.83 -32.17 12.70
C THR B 152 4.47 -31.66 12.25
N ALA B 153 3.46 -32.52 12.31
CA ALA B 153 2.13 -32.10 11.93
C ALA B 153 1.66 -30.94 12.79
N VAL B 154 2.01 -30.94 14.08
CA VAL B 154 1.59 -29.85 14.95
C VAL B 154 2.29 -28.56 14.54
N TYR B 155 3.61 -28.61 14.26
CA TYR B 155 4.29 -27.40 13.79
C TYR B 155 3.62 -26.88 12.53
N HIS B 156 3.30 -27.76 11.58
CA HIS B 156 2.67 -27.31 10.34
C HIS B 156 1.32 -26.65 10.62
N GLU B 157 0.54 -27.18 11.57
CA GLU B 157 -0.78 -26.60 11.85
C GLU B 157 -0.64 -25.18 12.39
N ILE B 158 0.37 -24.93 13.22
CA ILE B 158 0.60 -23.58 13.74
C ILE B 158 0.89 -22.62 12.59
N LEU B 159 1.81 -23.01 11.70
CA LEU B 159 2.15 -22.13 10.58
C LEU B 159 0.97 -21.94 9.66
N ILE B 160 0.26 -23.03 9.35
CA ILE B 160 -0.90 -22.89 8.48
C ILE B 160 -1.95 -22.00 9.12
N GLY B 161 -2.20 -22.20 10.42
CA GLY B 161 -3.14 -21.34 11.14
C GLY B 161 -2.74 -19.88 11.08
N TYR B 162 -1.45 -19.58 11.19
CA TYR B 162 -1.01 -18.19 11.10
C TYR B 162 -1.28 -17.61 9.72
N LEU B 163 -0.97 -18.35 8.66
CA LEU B 163 -1.23 -17.85 7.32
C LEU B 163 -2.72 -17.60 7.14
N GLU B 164 -3.56 -18.53 7.61
CA GLU B 164 -5.00 -18.37 7.50
C GLU B 164 -5.48 -17.12 8.22
N TYR B 165 -4.94 -16.88 9.42
CA TYR B 165 -5.36 -15.71 10.20
C TYR B 165 -5.00 -14.40 9.51
N VAL B 166 -3.76 -14.25 9.06
CA VAL B 166 -3.39 -12.97 8.48
C VAL B 166 -4.06 -12.79 7.13
N LYS B 167 -4.29 -13.87 6.39
CA LYS B 167 -5.11 -13.77 5.19
C LYS B 167 -6.48 -13.16 5.52
N LYS B 168 -7.10 -13.63 6.61
CA LYS B 168 -8.42 -13.13 6.98
C LYS B 168 -8.39 -11.64 7.29
N LEU B 169 -7.30 -11.16 7.88
CA LEU B 169 -7.20 -9.74 8.18
C LEU B 169 -6.94 -8.90 6.94
N GLY B 170 -6.45 -9.50 5.86
CA GLY B 170 -6.27 -8.77 4.62
C GLY B 170 -4.82 -8.64 4.16
N TYR B 171 -3.89 -9.33 4.81
CA TYR B 171 -2.53 -9.42 4.27
C TYR B 171 -2.55 -10.27 3.01
N VAL B 172 -1.64 -9.96 2.08
CA VAL B 172 -1.72 -10.48 0.74
C VAL B 172 -0.63 -11.49 0.44
N THR B 173 0.60 -11.27 0.93
CA THR B 173 1.72 -12.15 0.65
CA THR B 173 1.69 -12.19 0.67
C THR B 173 2.48 -12.45 1.93
N GLY B 174 2.99 -13.68 2.04
CA GLY B 174 3.85 -14.08 3.13
C GLY B 174 5.19 -14.45 2.55
N HIS B 175 6.23 -14.32 3.35
CA HIS B 175 7.60 -14.49 2.91
C HIS B 175 8.38 -15.36 3.90
N ILE B 176 9.13 -16.33 3.40
CA ILE B 176 9.92 -17.24 4.24
C ILE B 176 11.33 -17.32 3.69
N TRP B 177 12.31 -17.24 4.57
CA TRP B 177 13.71 -17.47 4.25
C TRP B 177 14.08 -18.79 4.91
N ALA B 178 14.25 -19.84 4.11
CA ALA B 178 14.47 -21.18 4.67
C ALA B 178 15.95 -21.38 4.97
N CYS B 179 16.38 -20.82 6.10
CA CYS B 179 17.80 -20.88 6.48
C CYS B 179 17.95 -21.50 7.86
N PRO B 180 18.38 -22.75 7.97
CA PRO B 180 18.55 -23.39 9.28
C PRO B 180 19.70 -22.73 10.02
N PRO B 181 19.78 -22.89 11.34
CA PRO B 181 20.90 -22.31 12.09
C PRO B 181 22.18 -23.12 11.92
N SER B 182 23.31 -22.41 12.06
CA SER B 182 24.60 -23.07 12.17
C SER B 182 24.71 -23.81 13.50
N GLU B 183 25.64 -24.77 13.57
CA GLU B 183 25.84 -25.52 14.80
C GLU B 183 26.09 -24.59 15.97
N GLY B 184 25.24 -24.69 16.98
CA GLY B 184 25.41 -23.91 18.19
C GLY B 184 24.85 -22.50 18.15
N ASP B 185 24.15 -22.13 17.09
CA ASP B 185 23.51 -20.82 17.00
C ASP B 185 22.02 -21.05 17.29
N ASP B 186 21.66 -20.95 18.56
CA ASP B 186 20.26 -21.13 18.96
C ASP B 186 19.43 -19.93 18.49
N TYR B 187 18.31 -20.21 17.80
CA TYR B 187 17.46 -19.12 17.33
C TYR B 187 16.62 -18.49 18.44
N ILE B 188 15.89 -19.31 19.21
CA ILE B 188 15.04 -18.82 20.29
C ILE B 188 15.38 -19.50 21.62
N PHE B 189 15.54 -20.83 21.61
CA PHE B 189 15.68 -21.63 22.81
C PHE B 189 17.15 -21.95 23.11
N HIS B 190 17.60 -21.62 24.32
CA HIS B 190 18.99 -21.83 24.73
C HIS B 190 19.28 -23.31 25.01
N CYS B 191 20.31 -23.84 24.33
CA CYS B 191 20.80 -25.21 24.51
CA CYS B 191 20.80 -25.21 24.51
C CYS B 191 19.76 -26.25 24.12
N HIS B 192 19.72 -26.60 22.82
CA HIS B 192 18.81 -27.65 22.32
C HIS B 192 19.29 -29.01 22.82
N PRO B 193 18.45 -30.04 22.70
CA PRO B 193 18.91 -31.38 23.05
C PRO B 193 20.02 -31.83 22.10
N PRO B 194 21.06 -32.46 22.63
CA PRO B 194 22.19 -32.86 21.77
C PRO B 194 21.79 -33.81 20.66
N ASP B 195 20.72 -34.57 20.83
CA ASP B 195 20.26 -35.53 19.83
C ASP B 195 19.19 -34.97 18.89
N GLN B 196 18.83 -33.70 19.02
CA GLN B 196 17.91 -33.06 18.07
C GLN B 196 18.71 -32.55 16.88
N LYS B 197 18.60 -33.25 15.75
CA LYS B 197 19.39 -32.87 14.59
C LYS B 197 18.87 -31.58 13.97
N ILE B 198 19.79 -30.86 13.34
CA ILE B 198 19.50 -29.62 12.63
C ILE B 198 19.35 -29.96 11.14
N PRO B 199 18.21 -29.68 10.52
CA PRO B 199 18.07 -29.97 9.10
C PRO B 199 19.01 -29.15 8.25
N LYS B 200 19.50 -29.75 7.18
CA LYS B 200 20.24 -29.00 6.20
C LYS B 200 19.25 -28.31 5.27
N PRO B 201 19.69 -27.32 4.49
CA PRO B 201 18.73 -26.50 3.71
C PRO B 201 17.73 -27.27 2.87
N LYS B 202 18.17 -28.32 2.20
CA LYS B 202 17.30 -29.10 1.32
C LYS B 202 16.14 -29.70 2.12
N ARG B 203 16.43 -30.28 3.29
CA ARG B 203 15.39 -30.86 4.13
C ARG B 203 14.45 -29.78 4.66
N LEU B 204 15.01 -28.64 5.07
CA LEU B 204 14.17 -27.57 5.58
C LEU B 204 13.26 -27.01 4.49
N GLN B 205 13.78 -26.88 3.26
CA GLN B 205 12.94 -26.38 2.17
C GLN B 205 11.79 -27.34 1.89
N GLU B 206 12.06 -28.64 1.86
CA GLU B 206 11.00 -29.61 1.65
C GLU B 206 9.99 -29.59 2.79
N TRP B 207 10.45 -29.27 4.00
CA TRP B 207 9.58 -29.18 5.16
C TRP B 207 8.61 -28.00 4.99
N PHE B 208 9.12 -26.85 4.55
CA PHE B 208 8.22 -25.73 4.24
C PHE B 208 7.31 -26.05 3.07
N LYS B 209 7.81 -26.70 2.01
CA LYS B 209 6.93 -27.06 0.90
C LYS B 209 5.79 -27.97 1.36
N LYS B 210 6.07 -28.94 2.23
CA LYS B 210 5.00 -29.80 2.73
C LYS B 210 3.94 -29.00 3.48
N MET B 211 4.38 -28.09 4.36
CA MET B 211 3.43 -27.24 5.08
C MET B 211 2.60 -26.42 4.09
N LEU B 212 3.24 -25.80 3.11
CA LEU B 212 2.53 -24.97 2.14
C LEU B 212 1.63 -25.79 1.23
N ASP B 213 2.05 -27.00 0.86
CA ASP B 213 1.20 -27.85 0.04
C ASP B 213 -0.07 -28.20 0.77
N LYS B 214 0.01 -28.38 2.08
CA LYS B 214 -1.18 -28.65 2.87
C LYS B 214 -2.04 -27.39 2.99
N ALA B 215 -1.40 -26.22 3.13
CA ALA B 215 -2.16 -24.98 3.11
C ALA B 215 -2.88 -24.81 1.77
N PHE B 216 -2.21 -25.20 0.68
CA PHE B 216 -2.80 -25.09 -0.67
C PHE B 216 -3.99 -26.03 -0.81
N ALA B 217 -3.85 -27.29 -0.38
CA ALA B 217 -4.95 -28.24 -0.50
C ALA B 217 -6.15 -27.78 0.30
N GLU B 218 -5.94 -26.99 1.35
CA GLU B 218 -7.04 -26.47 2.15
C GLU B 218 -7.58 -25.15 1.63
N ARG B 219 -7.09 -24.66 0.49
CA ARG B 219 -7.54 -23.39 -0.08
C ARG B 219 -7.17 -22.20 0.79
N ILE B 220 -6.21 -22.37 1.70
CA ILE B 220 -5.80 -21.22 2.50
C ILE B 220 -4.92 -20.29 1.69
N ILE B 221 -3.99 -20.81 0.91
CA ILE B 221 -3.15 -19.98 0.06
C ILE B 221 -3.54 -20.17 -1.39
N HIS B 222 -3.25 -19.15 -2.20
CA HIS B 222 -3.62 -19.22 -3.61
C HIS B 222 -2.53 -19.94 -4.41
N ASP B 223 -1.27 -19.69 -4.07
CA ASP B 223 -0.13 -20.32 -4.71
C ASP B 223 1.10 -19.93 -3.90
N TYR B 224 2.24 -20.58 -4.20
CA TYR B 224 3.52 -20.07 -3.72
C TYR B 224 4.58 -20.30 -4.79
N LYS B 225 5.61 -19.46 -4.78
CA LYS B 225 6.66 -19.51 -5.79
C LYS B 225 7.99 -19.16 -5.14
N ASP B 226 9.08 -19.54 -5.80
CA ASP B 226 10.38 -19.07 -5.36
C ASP B 226 10.57 -17.61 -5.80
N ILE B 227 11.49 -16.91 -5.15
CA ILE B 227 11.66 -15.47 -5.38
C ILE B 227 12.03 -15.14 -6.83
N PHE B 228 12.83 -16.01 -7.49
CA PHE B 228 13.20 -15.76 -8.89
C PHE B 228 12.00 -15.86 -9.81
N LYS B 229 11.22 -16.94 -9.68
CA LYS B 229 10.01 -17.06 -10.47
C LYS B 229 9.05 -15.91 -10.19
N GLN B 230 8.94 -15.52 -8.93
CA GLN B 230 8.02 -14.44 -8.54
C GLN B 230 8.44 -13.11 -9.15
N ALA B 231 9.71 -12.76 -9.03
CA ALA B 231 10.18 -11.51 -9.62
C ALA B 231 9.95 -11.49 -11.12
N THR B 232 10.19 -12.62 -11.78
CA THR B 232 9.93 -12.72 -13.23
C THR B 232 8.47 -12.42 -13.57
N GLU B 233 7.54 -13.04 -12.86
CA GLU B 233 6.13 -12.84 -13.21
C GLU B 233 5.68 -11.42 -12.88
N ASP B 234 6.20 -10.83 -11.81
CA ASP B 234 5.91 -9.44 -11.47
C ASP B 234 6.67 -8.47 -12.38
N ARG B 235 7.56 -8.98 -13.22
CA ARG B 235 8.40 -8.14 -14.05
C ARG B 235 9.15 -7.11 -13.20
N LEU B 236 9.71 -7.55 -12.09
CA LEU B 236 10.56 -6.70 -11.27
C LEU B 236 11.77 -6.25 -12.06
N THR B 237 12.02 -4.93 -12.09
CA THR B 237 13.15 -4.37 -12.83
C THR B 237 14.11 -3.54 -11.97
N SER B 238 13.74 -3.20 -10.74
CA SER B 238 14.57 -2.34 -9.90
C SER B 238 14.62 -2.88 -8.48
N ALA B 239 15.76 -2.68 -7.82
CA ALA B 239 15.89 -3.11 -6.42
C ALA B 239 14.88 -2.44 -5.50
N LYS B 240 14.36 -1.26 -5.86
CA LYS B 240 13.37 -0.63 -4.99
C LYS B 240 12.04 -1.39 -4.93
N GLU B 241 11.81 -2.36 -5.83
CA GLU B 241 10.56 -3.12 -5.78
C GLU B 241 10.66 -4.39 -4.95
N LEU B 242 11.83 -4.72 -4.39
CA LEU B 242 12.01 -5.95 -3.64
C LEU B 242 11.60 -5.74 -2.19
N PRO B 243 10.64 -6.51 -1.65
CA PRO B 243 10.22 -6.32 -0.25
C PRO B 243 11.42 -6.27 0.69
N TYR B 244 11.37 -5.33 1.63
CA TYR B 244 12.55 -4.89 2.41
C TYR B 244 12.28 -5.13 3.89
N PHE B 245 12.85 -6.21 4.44
CA PHE B 245 12.52 -6.70 5.77
C PHE B 245 13.69 -6.59 6.73
N GLU B 246 13.38 -6.35 8.01
CA GLU B 246 14.37 -6.25 9.05
C GLU B 246 15.06 -7.60 9.26
N GLY B 247 16.39 -7.61 9.16
CA GLY B 247 17.12 -8.84 9.42
C GLY B 247 17.09 -9.85 8.28
N ASP B 248 16.46 -9.52 7.16
CA ASP B 248 16.35 -10.43 6.02
C ASP B 248 17.66 -10.41 5.22
N PHE B 249 17.77 -11.37 4.30
CA PHE B 249 18.97 -11.51 3.47
C PHE B 249 19.19 -10.31 2.55
N TRP B 250 18.13 -9.82 1.93
CA TRP B 250 18.27 -8.98 0.75
C TRP B 250 18.75 -7.55 1.02
N PRO B 251 18.40 -6.91 2.14
CA PRO B 251 18.93 -5.55 2.38
C PRO B 251 20.45 -5.48 2.31
N ASN B 252 21.17 -6.48 2.83
CA ASN B 252 22.64 -6.42 2.76
C ASN B 252 23.14 -6.73 1.36
N VAL B 253 22.50 -7.67 0.66
CA VAL B 253 22.84 -7.93 -0.74
C VAL B 253 22.75 -6.64 -1.55
N LEU B 254 21.70 -5.86 -1.31
CA LEU B 254 21.49 -4.63 -2.07
C LEU B 254 22.53 -3.58 -1.72
N GLU B 255 22.95 -3.51 -0.45
CA GLU B 255 24.06 -2.62 -0.11
C GLU B 255 25.31 -2.98 -0.90
N GLU B 256 25.61 -4.28 -1.02
CA GLU B 256 26.79 -4.67 -1.79
C GLU B 256 26.61 -4.39 -3.28
N SER B 257 25.41 -4.61 -3.83
CA SER B 257 25.20 -4.29 -5.23
C SER B 257 25.50 -2.82 -5.50
N ILE B 258 25.15 -1.95 -4.56
CA ILE B 258 25.37 -0.52 -4.77
C ILE B 258 26.84 -0.17 -4.58
N LYS B 259 27.50 -0.77 -3.57
CA LYS B 259 28.94 -0.58 -3.40
C LYS B 259 29.71 -1.15 -4.59
N GLU B 260 29.51 -2.45 -4.88
CA GLU B 260 30.15 -3.05 -6.05
C GLU B 260 29.94 -2.20 -7.29
N SER B 261 28.73 -1.67 -7.47
CA SER B 261 28.37 -0.77 -8.57
C SER B 261 28.52 -1.44 -9.93
N GLY B 263 26.25 1.60 -12.07
CA GLY B 263 25.06 1.45 -12.89
C GLY B 263 23.99 0.58 -12.26
N SER B 264 23.05 0.09 -13.08
CA SER B 264 21.95 -0.73 -12.58
C SER B 264 22.40 -2.15 -12.26
N GLY B 265 22.16 -2.58 -11.02
CA GLY B 265 22.41 -3.94 -10.63
C GLY B 265 21.28 -4.89 -10.92
N SER B 266 20.29 -4.48 -11.72
CA SER B 266 19.07 -5.27 -11.88
C SER B 266 19.38 -6.63 -12.51
N GLN B 267 20.29 -6.66 -13.47
CA GLN B 267 20.69 -7.93 -14.09
C GLN B 267 21.38 -8.85 -13.10
N LYS B 268 22.32 -8.30 -12.33
CA LYS B 268 23.00 -9.14 -11.34
C LYS B 268 22.06 -9.57 -10.23
N LEU B 269 21.08 -8.72 -9.88
CA LEU B 269 20.08 -9.11 -8.89
C LEU B 269 19.33 -10.38 -9.31
N TYR B 270 18.96 -10.48 -10.59
CA TYR B 270 18.29 -11.70 -11.05
C TYR B 270 19.21 -12.91 -10.95
N ALA B 271 20.49 -12.73 -11.25
CA ALA B 271 21.45 -13.82 -11.07
C ALA B 271 21.52 -14.24 -9.61
N THR B 272 21.51 -13.26 -8.70
CA THR B 272 21.57 -13.57 -7.27
C THR B 272 20.30 -14.28 -6.82
N MET B 273 19.14 -13.79 -7.26
CA MET B 273 17.87 -14.43 -6.99
C MET B 273 17.83 -15.87 -7.50
N GLU B 274 18.34 -16.12 -8.71
CA GLU B 274 18.30 -17.48 -9.24
C GLU B 274 19.20 -18.41 -8.43
N LYS B 275 20.37 -17.91 -8.01
CA LYS B 275 21.35 -18.74 -7.32
C LYS B 275 20.76 -19.27 -6.00
N HIS B 276 19.92 -18.47 -5.33
CA HIS B 276 19.38 -18.82 -4.02
C HIS B 276 17.88 -19.07 -4.05
N LYS B 277 17.31 -19.34 -5.22
CA LYS B 277 15.85 -19.30 -5.32
C LYS B 277 15.19 -20.35 -4.45
N GLU B 278 15.84 -21.51 -4.26
CA GLU B 278 15.18 -22.59 -3.51
C GLU B 278 14.94 -22.20 -2.06
N VAL B 279 15.62 -21.16 -1.58
CA VAL B 279 15.61 -20.81 -0.17
C VAL B 279 14.58 -19.72 0.17
N PHE B 280 14.01 -19.06 -0.83
CA PHE B 280 13.14 -17.89 -0.62
C PHE B 280 11.76 -18.15 -1.19
N PHE B 281 10.77 -18.27 -0.30
CA PHE B 281 9.37 -18.53 -0.66
C PHE B 281 8.57 -17.24 -0.67
N VAL B 282 7.73 -17.10 -1.68
CA VAL B 282 6.74 -16.04 -1.75
C VAL B 282 5.37 -16.72 -1.78
N ILE B 283 4.51 -16.38 -0.82
CA ILE B 283 3.25 -17.08 -0.59
C ILE B 283 2.11 -16.12 -0.84
N HIS B 284 1.22 -16.46 -1.77
CA HIS B 284 0.08 -15.59 -2.07
C HIS B 284 -1.14 -16.04 -1.28
N LEU B 285 -1.53 -15.21 -0.30
CA LEU B 285 -2.73 -15.46 0.48
C LEU B 285 -3.98 -15.05 -0.29
N HIS B 286 -3.91 -13.93 -0.99
CA HIS B 286 -4.94 -13.51 -1.94
C HIS B 286 -4.29 -13.28 -3.29
N ALA B 287 -5.08 -13.42 -4.35
CA ALA B 287 -4.61 -13.12 -5.70
C ALA B 287 -5.80 -12.68 -6.53
N GLY B 288 -5.51 -11.89 -7.56
CA GLY B 288 -6.54 -11.50 -8.48
C GLY B 288 -7.23 -10.22 -8.06
N PRO B 289 -8.36 -9.92 -8.70
CA PRO B 289 -9.02 -8.62 -8.49
C PRO B 289 -9.48 -8.40 -7.07
N VAL B 290 -9.66 -9.46 -6.28
CA VAL B 290 -10.12 -9.31 -4.90
C VAL B 290 -9.22 -8.37 -4.12
N ILE B 291 -7.95 -8.27 -4.52
CA ILE B 291 -6.98 -7.47 -3.78
C ILE B 291 -7.28 -5.98 -3.87
N ASN B 292 -8.03 -5.54 -4.87
CA ASN B 292 -8.40 -4.14 -5.01
C ASN B 292 -9.68 -3.81 -4.28
N THR B 293 -10.21 -4.75 -3.50
CA THR B 293 -11.44 -4.53 -2.76
C THR B 293 -11.21 -4.67 -1.27
N LEU B 294 -9.96 -4.81 -0.84
CA LEU B 294 -9.81 -5.07 0.59
C LEU B 294 -9.87 -3.77 1.38
N PRO B 295 -10.51 -3.79 2.54
CA PRO B 295 -10.53 -2.61 3.42
C PRO B 295 -9.20 -2.49 4.15
N PRO B 296 -8.97 -1.41 4.90
CA PRO B 296 -7.71 -1.30 5.66
C PRO B 296 -7.54 -2.49 6.59
N ILE B 297 -6.29 -2.81 6.90
CA ILE B 297 -5.98 -3.87 7.86
C ILE B 297 -6.05 -3.30 9.27
N VAL B 298 -6.91 -3.88 10.10
CA VAL B 298 -7.08 -3.47 11.50
C VAL B 298 -6.81 -4.66 12.41
N ASP B 299 -5.77 -4.57 13.25
CA ASP B 299 -5.43 -5.65 14.17
C ASP B 299 -6.38 -5.63 15.36
N PRO B 300 -7.18 -6.69 15.59
CA PRO B 300 -8.09 -6.65 16.74
C PRO B 300 -7.40 -6.84 18.08
N ASP B 301 -6.14 -7.21 18.11
CA ASP B 301 -5.46 -7.41 19.39
C ASP B 301 -4.72 -6.15 19.80
N PRO B 302 -4.66 -5.89 21.11
CA PRO B 302 -3.85 -4.78 21.60
C PRO B 302 -2.38 -5.14 21.56
N LEU B 303 -1.53 -4.11 21.62
CA LEU B 303 -0.10 -4.36 21.77
C LEU B 303 0.19 -4.96 23.13
N LEU B 304 1.30 -5.70 23.22
CA LEU B 304 1.74 -6.38 24.43
C LEU B 304 3.20 -6.02 24.71
N SER B 305 3.42 -5.11 25.66
CA SER B 305 4.75 -4.63 26.00
C SER B 305 5.46 -5.67 26.85
N CYS B 306 6.52 -6.26 26.30
CA CYS B 306 7.25 -7.31 26.99
C CYS B 306 8.69 -7.32 26.45
N ASP B 307 9.52 -6.46 27.04
CA ASP B 307 10.89 -6.31 26.56
C ASP B 307 11.63 -7.65 26.50
N LEU B 308 11.32 -8.56 27.43
CA LEU B 308 12.05 -9.83 27.47
C LEU B 308 11.90 -10.61 26.17
N MET B 309 10.73 -10.55 25.56
CA MET B 309 10.42 -11.31 24.35
C MET B 309 10.44 -10.44 23.09
N ASP B 310 10.82 -9.17 23.20
CA ASP B 310 11.06 -8.33 22.03
C ASP B 310 12.43 -8.65 21.46
N GLY B 311 12.45 -9.18 20.25
CA GLY B 311 13.69 -9.70 19.72
C GLY B 311 14.04 -11.04 20.35
N ARG B 312 15.13 -11.63 19.86
CA ARG B 312 15.57 -12.93 20.35
C ARG B 312 16.71 -12.84 21.35
N ASP B 313 17.50 -11.78 21.33
CA ASP B 313 18.69 -11.73 22.18
C ASP B 313 18.34 -11.67 23.65
N ALA B 314 17.25 -10.97 24.01
CA ALA B 314 16.91 -10.81 25.43
C ALA B 314 16.65 -12.16 26.09
N PHE B 315 15.78 -12.96 25.49
CA PHE B 315 15.43 -14.23 26.13
C PHE B 315 16.60 -15.20 26.12
N LEU B 316 17.34 -15.22 25.01
CA LEU B 316 18.56 -16.03 24.93
C LEU B 316 19.56 -15.61 26.00
N THR B 317 19.77 -14.30 26.16
CA THR B 317 20.73 -13.80 27.15
C THR B 317 20.31 -14.17 28.57
N LEU B 318 19.05 -13.95 28.91
CA LEU B 318 18.55 -14.29 30.25
C LEU B 318 18.70 -15.78 30.53
N ALA B 319 18.33 -16.63 29.56
CA ALA B 319 18.43 -18.07 29.77
C ALA B 319 19.88 -18.50 29.97
N ARG B 320 20.81 -17.91 29.22
CA ARG B 320 22.23 -18.19 29.43
C ARG B 320 22.66 -17.73 30.81
N ASP B 321 22.29 -16.51 31.19
CA ASP B 321 22.72 -15.99 32.48
C ASP B 321 22.11 -16.77 33.64
N LYS B 322 20.97 -17.41 33.44
CA LYS B 322 20.33 -18.13 34.53
C LYS B 322 20.36 -19.64 34.34
N HIS B 323 21.12 -20.11 33.34
CA HIS B 323 21.30 -21.54 33.11
C HIS B 323 19.96 -22.23 32.86
N TRP B 324 19.11 -21.57 32.10
CA TRP B 324 17.83 -22.16 31.68
C TRP B 324 18.07 -22.86 30.35
N GLU B 325 18.22 -24.18 30.38
CA GLU B 325 18.50 -24.95 29.18
C GLU B 325 17.27 -25.74 28.75
N PHE B 326 17.25 -26.11 27.48
CA PHE B 326 16.17 -26.91 26.89
C PHE B 326 16.73 -28.19 26.31
N SER B 327 17.72 -28.75 27.00
CA SER B 327 18.50 -29.85 26.43
C SER B 327 17.98 -31.21 26.86
N SER B 328 17.03 -31.26 27.80
CA SER B 328 16.36 -32.52 28.13
C SER B 328 14.94 -32.18 28.53
N LEU B 329 14.10 -33.23 28.66
CA LEU B 329 12.74 -32.95 29.09
C LEU B 329 12.71 -32.32 30.47
N ARG B 330 13.52 -32.85 31.39
CA ARG B 330 13.58 -32.32 32.76
C ARG B 330 13.99 -30.86 32.74
N ARG B 331 15.02 -30.52 31.97
CA ARG B 331 15.49 -29.14 31.95
C ARG B 331 14.48 -28.24 31.24
N SER B 332 13.81 -28.74 30.20
CA SER B 332 12.81 -27.94 29.48
C SER B 332 11.60 -27.64 30.37
N LYS B 333 11.20 -28.61 31.20
CA LYS B 333 10.13 -28.36 32.16
C LYS B 333 10.52 -27.26 33.13
N TRP B 334 11.75 -27.31 33.63
CA TRP B 334 12.21 -26.28 34.55
C TRP B 334 12.27 -24.92 33.86
N SER B 335 12.91 -24.87 32.68
CA SER B 335 13.04 -23.59 31.99
C SER B 335 11.66 -23.02 31.62
N THR B 336 10.70 -23.88 31.31
CA THR B 336 9.34 -23.38 31.04
C THR B 336 8.71 -22.76 32.28
N LEU B 337 8.84 -23.41 33.45
CA LEU B 337 8.37 -22.80 34.69
C LEU B 337 9.01 -21.44 34.90
N CYS B 338 10.34 -21.36 34.75
CA CYS B 338 11.03 -20.09 35.00
C CYS B 338 10.57 -19.02 34.01
N MET B 339 10.37 -19.39 32.74
CA MET B 339 9.88 -18.45 31.76
C MET B 339 8.49 -17.94 32.12
N LEU B 340 7.60 -18.86 32.55
CA LEU B 340 6.23 -18.48 32.89
C LEU B 340 6.19 -17.57 34.11
N VAL B 341 7.02 -17.84 35.11
CA VAL B 341 7.11 -16.96 36.27
C VAL B 341 7.54 -15.56 35.84
N GLU B 342 8.54 -15.50 34.97
CA GLU B 342 9.04 -14.23 34.44
C GLU B 342 7.93 -13.50 33.69
N LEU B 343 7.23 -14.20 32.80
CA LEU B 343 6.18 -13.54 32.03
C LEU B 343 5.05 -13.04 32.93
N HIS B 344 4.72 -13.78 33.98
CA HIS B 344 3.58 -13.38 34.79
C HIS B 344 3.92 -12.24 35.76
N THR B 345 5.16 -12.17 36.24
CA THR B 345 5.55 -11.22 37.28
C THR B 345 6.25 -10.01 36.70
N GLN B 346 6.03 -9.76 35.41
CA GLN B 346 6.44 -8.56 34.70
C GLN B 346 6.28 -7.26 35.51
#